data_5H6Q
#
_entry.id   5H6Q
#
_cell.length_a   120.825
_cell.length_b   180.488
_cell.length_c   233.375
_cell.angle_alpha   90.00
_cell.angle_beta   90.00
_cell.angle_gamma   90.00
#
_symmetry.space_group_name_H-M   'I 2 2 2'
#
loop_
_entity.id
_entity.type
_entity.pdbx_description
1 polymer 'Lysine-specific histone demethylase 1A'
2 polymer 'REST corepressor 1'
3 polymer 'peptide SRTMQTARKSTGGKAPRKQLK'
4 non-polymer GLYCEROL
5 non-polymer 'FLAVIN-ADENINE DINUCLEOTIDE'
6 water water
#
loop_
_entity_poly.entity_id
_entity_poly.type
_entity_poly.pdbx_seq_one_letter_code
_entity_poly.pdbx_strand_id
1 'polypeptide(L)'
;GPLGSHMSGVEGAAFQSRLPHDRMTSQEAACFPDIISGPQQTQKVFLFIRNRTLQLWLDNPKIQLTFEATLQQLEAPYNS
DTVLVHRVHSYLERHGLINFGIYKRIKPLPTKKTGKVIIIGSGVSGLAAARQLQSFGMDVTLLEARDRVGGRVATFRKGN
YVADLGAMVVTGLGGNPMAVVSKQVNMELAKIKQKCPLYEANGQAVPKEKDEMVEQEFNRLLEATSYLSHQLDFNVLNNK
PVSLGQALEVVIQLQEKHVKDEQIEHWKKIVKTQEELKELLNKMVNLKEKIKELHQQYKEASEVKPPRDITAEFLVKSKH
RDLTALCKEYDELAETQGKLEEKLQELEANPPSDVYLSSRDRQILDWHFANLEFANATPLSTLSLKHWDQDDDFEFTGSH
LTVRNGYSCVPVALAEGLDIKLNTAVRQVRYTASGCEVIAVNTRSTSQTFIYKCDAVLCTLPLGVLKQQPPAVQFVPPLP
EWKTSAVQRMGFGNLNKVVLCFDRVFWDPSVNLFGHVGSTTASRGELFLFWNLYKAPILLALVAGEAAGIMENISDDVIV
GRCLAILKGIFGSSAVPQPKETVVSRWRADPWARGSYSYVAAGSSGNDYDLMAQPITPGPSIPGAPQPIPRLFFAGEHTI
RNYPATVHGALLSGLREAGRIADQFLGAM
;
A
2 'polypeptide(L)'
;GSSGSASRKPPKGMFLSQEDVEAVSANATAATTVLRQLDMELVSVKRQIQNIKQTNSALKEKLDGGIEPYRLPEVIQKCN
ARWTTEEQLLAVQAIRKYGRDFQAISDVIGNKSVVQVKNFFVNYRRRFNIDEVLQEWEAE
;
B
3 'polypeptide(L)' SRTMQTARKSTGGKAPRKQLK C
#
loop_
_chem_comp.id
_chem_comp.type
_chem_comp.name
_chem_comp.formula
FAD non-polymer 'FLAVIN-ADENINE DINUCLEOTIDE' 'C27 H33 N9 O15 P2'
GOL non-polymer GLYCEROL 'C3 H8 O3'
#
# COMPACT_ATOMS: atom_id res chain seq x y z
N SER A 8 -0.76 29.69 15.70
CA SER A 8 -0.06 30.54 16.73
C SER A 8 1.46 30.50 16.56
N GLY A 9 2.16 31.32 17.34
CA GLY A 9 3.63 31.41 17.34
C GLY A 9 4.28 30.58 18.44
N VAL A 10 3.66 30.57 19.62
CA VAL A 10 4.11 29.76 20.74
C VAL A 10 3.75 28.30 20.49
N GLU A 11 2.53 28.05 20.00
CA GLU A 11 2.06 26.68 19.70
C GLU A 11 2.83 26.07 18.51
N GLY A 12 3.21 26.91 17.55
CA GLY A 12 4.04 26.52 16.42
C GLY A 12 5.49 26.19 16.78
N ALA A 13 5.96 26.73 17.91
CA ALA A 13 7.28 26.39 18.42
C ALA A 13 7.31 24.98 18.95
N ALA A 14 6.29 24.61 19.72
CA ALA A 14 6.08 23.21 20.13
C ALA A 14 6.03 22.25 18.92
N PHE A 15 5.30 22.65 17.89
CA PHE A 15 5.14 21.82 16.73
C PHE A 15 6.48 21.61 16.03
N GLN A 16 7.27 22.68 15.97
CA GLN A 16 8.54 22.66 15.27
C GLN A 16 9.62 21.93 16.08
N SER A 17 9.32 21.62 17.33
CA SER A 17 10.21 20.88 18.22
C SER A 17 9.65 19.49 18.54
N ARG A 18 8.63 19.06 17.80
CA ARG A 18 8.03 17.71 17.88
C ARG A 18 7.43 17.44 19.22
N LEU A 19 6.74 18.46 19.71
CA LEU A 19 6.18 18.47 21.05
C LEU A 19 4.74 18.89 20.95
N PRO A 20 3.88 18.26 21.76
CA PRO A 20 2.51 18.72 21.92
C PRO A 20 2.48 20.01 22.74
N HIS A 21 1.86 21.04 22.16
CA HIS A 21 1.86 22.39 22.76
C HIS A 21 1.10 22.49 24.07
N ASP A 22 0.12 21.61 24.26
CA ASP A 22 -0.85 21.70 25.35
C ASP A 22 -0.73 20.57 26.39
N ARG A 23 0.43 19.96 26.46
CA ARG A 23 0.59 18.73 27.23
C ARG A 23 2.06 18.51 27.54
N MET A 24 2.33 17.98 28.73
CA MET A 24 3.68 17.63 29.11
C MET A 24 4.00 16.22 28.63
N THR A 25 5.22 16.04 28.10
CA THR A 25 5.72 14.75 27.61
C THR A 25 6.21 13.88 28.77
N SER A 26 6.48 12.62 28.45
CA SER A 26 7.13 11.69 29.38
C SER A 26 8.52 12.16 29.84
N GLN A 27 9.31 12.71 28.92
CA GLN A 27 10.64 13.16 29.26
C GLN A 27 10.55 14.34 30.26
N GLU A 28 9.62 15.25 29.98
CA GLU A 28 9.32 16.37 30.88
C GLU A 28 8.82 15.92 32.25
N ALA A 29 7.94 14.93 32.28
CA ALA A 29 7.47 14.39 33.56
C ALA A 29 8.61 13.92 34.43
N ALA A 30 9.62 13.33 33.83
CA ALA A 30 10.73 12.78 34.58
C ALA A 30 11.52 13.86 35.26
N CYS A 31 11.73 14.99 34.59
CA CYS A 31 12.56 16.05 35.14
C CYS A 31 11.73 17.03 36.01
N PHE A 32 10.41 17.02 35.84
CA PHE A 32 9.51 17.93 36.49
C PHE A 32 8.34 17.16 37.13
N PRO A 33 8.64 16.19 38.01
CA PRO A 33 7.56 15.39 38.58
C PRO A 33 6.63 16.20 39.45
N ASP A 34 7.19 17.11 40.23
CA ASP A 34 6.43 18.07 41.05
C ASP A 34 5.36 18.81 40.24
N ILE A 35 5.70 19.23 39.03
CA ILE A 35 4.76 19.96 38.17
C ILE A 35 3.66 19.09 37.56
N ILE A 36 4.03 17.95 36.97
CA ILE A 36 3.04 17.09 36.31
C ILE A 36 2.05 16.42 37.28
N SER A 37 2.49 16.08 38.47
CA SER A 37 1.58 15.56 39.52
C SER A 37 0.88 16.67 40.30
N GLY A 38 1.18 17.92 39.97
CA GLY A 38 0.61 19.08 40.65
C GLY A 38 -0.62 19.62 39.95
N PRO A 39 -1.07 20.82 40.37
CA PRO A 39 -2.28 21.43 39.79
C PRO A 39 -2.13 21.98 38.34
N GLN A 40 -3.26 21.90 37.61
CA GLN A 40 -3.35 22.26 36.18
C GLN A 40 -2.76 23.61 35.82
N GLN A 41 -3.01 24.63 36.64
CA GLN A 41 -2.58 25.99 36.35
C GLN A 41 -1.05 26.08 36.24
N THR A 42 -0.35 25.36 37.12
CA THR A 42 1.13 25.36 37.10
C THR A 42 1.68 24.66 35.83
N GLN A 43 1.00 23.61 35.39
CA GLN A 43 1.37 22.92 34.14
C GLN A 43 1.34 23.87 32.93
N LYS A 44 0.33 24.74 32.87
CA LYS A 44 0.17 25.69 31.77
C LYS A 44 1.25 26.75 31.77
N VAL A 45 1.73 27.07 32.97
CA VAL A 45 2.83 28.02 33.15
C VAL A 45 4.09 27.36 32.61
N PHE A 46 4.30 26.11 32.99
CA PHE A 46 5.43 25.32 32.50
C PHE A 46 5.40 25.26 30.98
N LEU A 47 4.26 24.82 30.46
CA LEU A 47 4.05 24.68 29.03
C LEU A 47 4.32 25.97 28.27
N PHE A 48 3.88 27.10 28.85
CA PHE A 48 4.09 28.40 28.21
C PHE A 48 5.57 28.77 28.24
N ILE A 49 6.21 28.55 29.39
CA ILE A 49 7.62 28.89 29.50
C ILE A 49 8.40 28.06 28.48
N ARG A 50 8.08 26.76 28.42
CA ARG A 50 8.72 25.85 27.47
C ARG A 50 8.51 26.31 26.06
N ASN A 51 7.26 26.56 25.72
CA ASN A 51 6.94 26.92 24.33
C ASN A 51 7.54 28.25 23.92
N ARG A 52 7.56 29.22 24.85
CA ARG A 52 8.13 30.55 24.58
C ARG A 52 9.65 30.47 24.41
N THR A 53 10.31 29.73 25.29
CA THR A 53 11.77 29.60 25.17
C THR A 53 12.17 28.96 23.83
N LEU A 54 11.39 27.97 23.39
CA LEU A 54 11.58 27.35 22.08
C LEU A 54 11.39 28.37 20.97
N GLN A 55 10.29 29.12 21.04
CA GLN A 55 10.04 30.20 20.09
C GLN A 55 11.24 31.13 20.00
N LEU A 56 11.73 31.55 21.16
CA LEU A 56 12.85 32.48 21.17
C LEU A 56 14.01 31.90 20.42
N TRP A 57 14.37 30.66 20.76
CA TRP A 57 15.50 29.99 20.08
C TRP A 57 15.26 29.83 18.58
N LEU A 58 14.04 29.45 18.22
CA LEU A 58 13.71 29.20 16.82
C LEU A 58 13.67 30.45 15.95
N ASP A 59 13.32 31.60 16.55
CA ASP A 59 13.32 32.89 15.84
C ASP A 59 14.73 33.32 15.45
N ASN A 60 15.72 33.03 16.29
CA ASN A 60 17.11 33.29 15.95
C ASN A 60 18.06 32.18 16.41
N PRO A 61 18.14 31.09 15.64
CA PRO A 61 18.97 29.97 16.05
C PRO A 61 20.46 30.15 15.74
N LYS A 62 20.87 31.29 15.15
CA LYS A 62 22.30 31.60 14.93
C LYS A 62 23.06 32.12 16.17
N ILE A 63 22.36 32.38 17.28
CA ILE A 63 23.02 32.82 18.51
C ILE A 63 22.50 32.06 19.73
N GLN A 64 23.40 31.81 20.67
CA GLN A 64 23.04 31.17 21.92
C GLN A 64 21.95 31.92 22.65
N LEU A 65 20.97 31.20 23.16
CA LEU A 65 19.92 31.74 24.00
C LEU A 65 20.23 31.37 25.44
N THR A 66 20.52 32.41 26.25
CA THR A 66 20.88 32.21 27.65
C THR A 66 19.64 32.20 28.53
N PHE A 67 19.79 31.68 29.74
CA PHE A 67 18.72 31.77 30.73
C PHE A 67 18.35 33.22 31.04
N GLU A 68 19.37 34.08 31.10
CA GLU A 68 19.16 35.48 31.42
C GLU A 68 18.39 36.15 30.30
N ALA A 69 18.83 35.98 29.05
CA ALA A 69 18.11 36.53 27.89
C ALA A 69 16.68 35.97 27.74
N THR A 70 16.47 34.75 28.22
CA THR A 70 15.15 34.12 28.20
C THR A 70 14.25 34.78 29.21
N LEU A 71 14.72 34.85 30.45
CA LEU A 71 13.95 35.47 31.53
C LEU A 71 13.57 36.91 31.24
N GLN A 72 14.48 37.69 30.66
N GLN A 72 14.52 37.68 30.69
CA GLN A 72 14.19 39.09 30.35
CA GLN A 72 14.32 39.05 30.18
C GLN A 72 13.25 39.32 29.15
C GLN A 72 13.06 39.21 29.34
N GLN A 73 12.84 38.26 28.43
CA GLN A 73 11.80 38.37 27.39
C GLN A 73 10.45 37.74 27.73
N LEU A 74 10.33 37.12 28.90
CA LEU A 74 9.02 36.69 29.43
C LEU A 74 8.33 37.86 30.14
N GLU A 75 7.00 37.90 30.07
CA GLU A 75 6.20 38.83 30.88
C GLU A 75 5.73 38.14 32.15
N ALA A 76 5.06 38.89 33.02
CA ALA A 76 4.35 38.31 34.17
C ALA A 76 3.05 37.69 33.64
N PRO A 77 2.49 36.68 34.30
CA PRO A 77 3.01 36.06 35.54
C PRO A 77 4.06 34.93 35.34
N TYR A 78 4.70 34.86 34.17
CA TYR A 78 5.55 33.72 33.83
C TYR A 78 6.95 33.91 34.37
N ASN A 79 7.45 35.15 34.32
CA ASN A 79 8.70 35.54 35.01
C ASN A 79 8.62 35.63 36.55
N SER A 80 7.44 35.43 37.13
CA SER A 80 7.27 35.30 38.58
C SER A 80 8.29 34.32 39.18
N ASP A 81 8.17 33.03 38.85
CA ASP A 81 9.08 32.01 39.39
C ASP A 81 10.32 31.91 38.51
N THR A 82 11.49 32.23 39.07
CA THR A 82 12.74 32.30 38.31
C THR A 82 13.57 31.01 38.39
N VAL A 83 13.31 30.17 39.38
CA VAL A 83 13.91 28.82 39.39
C VAL A 83 13.20 27.99 38.30
N LEU A 84 11.87 28.06 38.26
CA LEU A 84 11.12 27.38 37.22
C LEU A 84 11.65 27.73 35.84
N VAL A 85 11.80 29.00 35.54
CA VAL A 85 12.38 29.40 34.25
C VAL A 85 13.79 28.84 34.05
N HIS A 86 14.59 28.76 35.10
CA HIS A 86 15.96 28.22 35.02
C HIS A 86 15.95 26.71 34.77
N ARG A 87 15.05 26.01 35.46
CA ARG A 87 14.91 24.57 35.34
C ARG A 87 14.52 24.17 33.91
N VAL A 88 13.56 24.90 33.37
CA VAL A 88 13.06 24.73 32.01
C VAL A 88 14.13 25.05 31.01
N HIS A 89 14.78 26.19 31.13
CA HIS A 89 15.86 26.54 30.22
C HIS A 89 16.97 25.48 30.17
N SER A 90 17.30 24.91 31.32
CA SER A 90 18.46 24.03 31.44
C SER A 90 18.15 22.67 30.81
N TYR A 91 16.95 22.17 31.11
CA TYR A 91 16.35 21.01 30.48
C TYR A 91 16.36 21.08 28.97
N LEU A 92 15.89 22.20 28.43
CA LEU A 92 15.87 22.36 27.00
C LEU A 92 17.26 22.38 26.41
N GLU A 93 18.21 22.96 27.12
CA GLU A 93 19.57 23.09 26.62
C GLU A 93 20.24 21.72 26.68
N ARG A 94 19.97 21.00 27.75
CA ARG A 94 20.60 19.73 28.03
C ARG A 94 20.15 18.66 27.03
N HIS A 95 18.84 18.63 26.78
CA HIS A 95 18.23 17.73 25.79
C HIS A 95 18.34 18.21 24.34
N GLY A 96 18.98 19.35 24.10
CA GLY A 96 19.28 19.77 22.76
C GLY A 96 18.14 20.42 21.99
N LEU A 97 17.01 20.66 22.64
CA LEU A 97 15.91 21.42 22.01
C LEU A 97 16.21 22.91 21.71
N ILE A 98 17.14 23.50 22.47
CA ILE A 98 17.69 24.84 22.16
C ILE A 98 19.20 24.73 22.20
N ASN A 99 19.86 25.66 21.55
CA ASN A 99 21.31 25.73 21.53
C ASN A 99 21.92 24.44 21.07
N PHE A 100 21.39 23.95 19.96
CA PHE A 100 21.98 22.85 19.21
C PHE A 100 22.46 23.36 17.87
N GLY A 101 23.38 22.63 17.29
CA GLY A 101 23.83 22.94 15.96
C GLY A 101 24.99 23.88 16.01
N ILE A 102 24.98 24.87 15.13
CA ILE A 102 26.08 25.83 14.96
C ILE A 102 25.59 27.25 15.24
N TYR A 103 26.01 27.77 16.39
CA TYR A 103 25.61 29.10 16.84
C TYR A 103 26.76 29.81 17.54
N LYS A 104 26.73 31.13 17.50
CA LYS A 104 27.68 31.98 18.21
C LYS A 104 27.41 31.91 19.72
N ARG A 105 28.41 31.44 20.45
CA ARG A 105 28.35 31.35 21.90
C ARG A 105 28.51 32.75 22.49
N ILE A 106 27.72 33.07 23.52
CA ILE A 106 27.77 34.39 24.17
C ILE A 106 28.97 34.45 25.12
N LYS A 107 28.92 33.75 26.24
CA LYS A 107 30.07 33.62 27.16
C LYS A 107 30.94 32.46 26.65
N PRO A 108 32.17 32.74 26.11
CA PRO A 108 33.01 31.67 25.54
C PRO A 108 33.23 30.45 26.45
N LEU A 109 33.52 29.30 25.86
CA LEU A 109 33.51 28.02 26.58
C LEU A 109 34.62 27.97 27.64
N PRO A 110 34.24 27.70 28.91
CA PRO A 110 35.21 27.43 29.97
C PRO A 110 36.27 26.40 29.57
N THR A 111 37.53 26.75 29.80
CA THR A 111 38.69 25.95 29.39
C THR A 111 38.96 24.75 30.33
N LYS A 112 38.36 24.77 31.53
CA LYS A 112 38.37 23.61 32.42
C LYS A 112 37.36 22.59 31.93
N LYS A 113 37.86 21.46 31.43
CA LYS A 113 37.02 20.40 30.89
C LYS A 113 36.78 19.23 31.87
N THR A 114 35.52 19.00 32.20
CA THR A 114 35.10 17.89 33.02
C THR A 114 34.79 16.65 32.16
N GLY A 115 35.38 15.49 32.49
CA GLY A 115 35.08 14.21 31.83
C GLY A 115 35.68 14.07 30.45
N LYS A 116 35.90 12.82 30.02
CA LYS A 116 36.47 12.49 28.69
C LYS A 116 35.58 11.44 27.93
N VAL A 117 35.12 11.80 26.71
CA VAL A 117 34.33 10.91 25.87
C VAL A 117 35.00 10.68 24.53
N ILE A 118 35.09 9.40 24.15
CA ILE A 118 35.44 8.99 22.79
C ILE A 118 34.15 8.68 21.98
N ILE A 119 33.97 9.38 20.86
CA ILE A 119 32.86 9.11 19.93
C ILE A 119 33.40 8.34 18.74
N ILE A 120 32.77 7.19 18.44
CA ILE A 120 33.19 6.35 17.32
C ILE A 120 32.31 6.72 16.14
N GLY A 121 32.94 7.24 15.10
CA GLY A 121 32.29 7.68 13.86
C GLY A 121 32.00 9.16 13.89
N SER A 122 32.25 9.84 12.77
CA SER A 122 31.91 11.28 12.62
C SER A 122 30.92 11.51 11.50
N GLY A 123 29.85 10.72 11.48
CA GLY A 123 28.67 11.07 10.72
C GLY A 123 27.87 12.04 11.53
N VAL A 124 26.65 12.27 11.13
CA VAL A 124 25.82 13.29 11.72
C VAL A 124 25.47 12.91 13.14
N SER A 125 25.23 11.63 13.44
CA SER A 125 24.90 11.33 14.83
C SER A 125 26.09 11.66 15.76
N GLY A 126 27.29 11.30 15.36
CA GLY A 126 28.50 11.52 16.15
C GLY A 126 28.84 13.00 16.27
N LEU A 127 28.75 13.73 15.16
CA LEU A 127 29.09 15.14 15.12
C LEU A 127 28.15 15.92 16.00
N ALA A 128 26.87 15.63 15.87
CA ALA A 128 25.90 16.30 16.67
C ALA A 128 26.10 16.03 18.16
N ALA A 129 26.47 14.82 18.53
CA ALA A 129 26.68 14.51 19.94
C ALA A 129 27.92 15.27 20.43
N ALA A 130 28.97 15.21 19.63
CA ALA A 130 30.22 15.86 19.94
C ALA A 130 30.02 17.35 20.21
N ARG A 131 29.41 18.10 19.29
CA ARG A 131 29.14 19.52 19.54
C ARG A 131 28.49 19.75 20.87
N GLN A 132 27.46 18.98 21.15
CA GLN A 132 26.74 19.15 22.40
C GLN A 132 27.62 18.89 23.63
N LEU A 133 28.43 17.85 23.57
CA LEU A 133 29.23 17.45 24.70
C LEU A 133 30.33 18.49 24.98
N GLN A 134 30.96 18.99 23.93
CA GLN A 134 31.87 20.13 24.02
C GLN A 134 31.23 21.37 24.68
N SER A 135 30.06 21.76 24.19
CA SER A 135 29.29 22.84 24.79
C SER A 135 28.94 22.63 26.24
N PHE A 136 28.87 21.39 26.70
CA PHE A 136 28.54 21.11 28.09
C PHE A 136 29.80 21.08 28.96
N GLY A 137 30.96 21.21 28.32
CA GLY A 137 32.23 21.28 29.00
C GLY A 137 33.00 19.98 29.05
N MET A 138 32.65 18.98 28.25
CA MET A 138 33.42 17.72 28.24
C MET A 138 34.53 17.77 27.24
N ASP A 139 35.50 16.88 27.41
CA ASP A 139 36.60 16.69 26.48
C ASP A 139 36.15 15.58 25.54
N VAL A 140 36.12 15.88 24.24
CA VAL A 140 35.59 14.97 23.22
C VAL A 140 36.59 14.74 22.10
N THR A 141 36.74 13.47 21.72
CA THR A 141 37.50 13.09 20.55
C THR A 141 36.69 12.08 19.70
N LEU A 142 36.64 12.31 18.38
CA LEU A 142 35.95 11.45 17.45
C LEU A 142 36.97 10.69 16.65
N LEU A 143 36.74 9.38 16.52
CA LEU A 143 37.55 8.51 15.70
C LEU A 143 36.72 8.12 14.48
N GLU A 144 37.29 8.31 13.30
CA GLU A 144 36.61 8.13 12.03
C GLU A 144 37.52 7.38 11.09
N ALA A 145 37.05 6.24 10.60
CA ALA A 145 37.81 5.41 9.70
C ALA A 145 38.00 6.04 8.32
N ARG A 146 37.03 6.80 7.85
CA ARG A 146 37.15 7.41 6.52
C ARG A 146 38.18 8.54 6.53
N ASP A 147 38.58 9.01 5.34
CA ASP A 147 39.37 10.24 5.18
C ASP A 147 38.54 11.53 5.17
N ARG A 148 37.31 11.46 5.67
CA ARG A 148 36.41 12.62 5.73
C ARG A 148 35.36 12.40 6.77
N VAL A 149 34.68 13.48 7.14
CA VAL A 149 33.50 13.43 7.97
C VAL A 149 32.24 13.26 7.10
N GLY A 150 31.12 12.95 7.77
CA GLY A 150 29.82 12.94 7.18
C GLY A 150 29.20 11.59 7.01
N GLY A 151 30.02 10.59 6.76
CA GLY A 151 29.54 9.21 6.77
C GLY A 151 28.70 8.92 5.56
N ARG A 152 27.44 8.60 5.82
CA ARG A 152 26.46 8.31 4.78
C ARG A 152 25.85 9.57 4.17
N VAL A 153 26.22 10.74 4.70
CA VAL A 153 26.20 11.97 3.93
C VAL A 153 27.51 12.03 3.14
N ALA A 154 27.44 11.75 1.85
CA ALA A 154 28.60 11.62 0.97
C ALA A 154 28.35 12.32 -0.36
N THR A 155 28.94 13.49 -0.53
CA THR A 155 28.72 14.32 -1.66
C THR A 155 29.83 14.19 -2.71
N PHE A 156 29.43 14.02 -3.96
CA PHE A 156 30.35 13.93 -5.11
C PHE A 156 30.64 15.33 -5.59
N ARG A 157 31.92 15.61 -5.89
CA ARG A 157 32.36 16.91 -6.35
C ARG A 157 33.44 16.79 -7.38
N LYS A 158 33.22 17.44 -8.52
CA LYS A 158 34.18 17.49 -9.62
C LYS A 158 33.75 18.64 -10.53
N GLY A 159 34.60 19.66 -10.66
CA GLY A 159 34.25 20.85 -11.42
C GLY A 159 33.06 21.53 -10.79
N ASN A 160 32.08 21.93 -11.61
CA ASN A 160 30.79 22.45 -11.11
C ASN A 160 29.75 21.36 -10.81
N TYR A 161 30.09 20.10 -11.09
CA TYR A 161 29.20 19.00 -10.74
C TYR A 161 29.21 18.76 -9.22
N VAL A 162 28.01 18.67 -8.66
CA VAL A 162 27.80 18.42 -7.25
C VAL A 162 26.58 17.53 -7.17
N ALA A 163 26.74 16.31 -6.68
CA ALA A 163 25.64 15.38 -6.55
C ALA A 163 25.85 14.50 -5.33
N ASP A 164 24.77 14.22 -4.59
CA ASP A 164 24.87 13.37 -3.40
C ASP A 164 24.71 11.89 -3.68
N LEU A 165 25.64 11.07 -3.18
CA LEU A 165 25.54 9.61 -3.28
C LEU A 165 24.85 8.93 -2.10
N GLY A 166 24.74 9.64 -0.99
CA GLY A 166 24.03 9.17 0.19
C GLY A 166 22.79 10.03 0.39
N ALA A 167 22.63 10.63 1.55
CA ALA A 167 21.50 11.50 1.77
C ALA A 167 21.45 12.70 0.84
N MET A 168 20.25 12.97 0.35
CA MET A 168 19.99 13.89 -0.76
C MET A 168 18.87 14.89 -0.50
N VAL A 169 17.92 14.55 0.35
CA VAL A 169 16.67 15.24 0.44
C VAL A 169 16.35 15.52 1.90
N VAL A 170 15.83 16.72 2.15
CA VAL A 170 15.28 17.08 3.42
C VAL A 170 13.80 16.79 3.32
N THR A 171 13.28 15.92 4.17
CA THR A 171 11.95 15.38 3.95
C THR A 171 10.88 16.21 4.61
N GLY A 172 10.83 17.48 4.23
CA GLY A 172 9.89 18.43 4.83
C GLY A 172 10.43 19.13 6.07
N LEU A 173 10.18 20.44 6.16
CA LEU A 173 10.68 21.29 7.23
C LEU A 173 9.78 21.36 8.45
N GLY A 174 8.50 21.08 8.30
CA GLY A 174 7.59 21.14 9.44
C GLY A 174 7.89 20.09 10.49
N GLY A 175 8.60 20.49 11.54
CA GLY A 175 8.90 19.58 12.67
C GLY A 175 10.31 19.07 12.66
N ASN A 176 11.06 19.53 11.69
CA ASN A 176 12.31 18.98 11.32
C ASN A 176 13.43 19.83 11.88
N PRO A 177 14.30 19.21 12.71
CA PRO A 177 15.42 19.96 13.23
C PRO A 177 16.38 20.44 12.14
N MET A 178 16.34 19.87 10.96
CA MET A 178 17.17 20.39 9.87
C MET A 178 16.72 21.77 9.39
N ALA A 179 15.52 22.22 9.77
CA ALA A 179 15.12 23.60 9.51
C ALA A 179 16.06 24.56 10.22
N VAL A 180 16.28 24.30 11.50
CA VAL A 180 17.24 25.07 12.30
C VAL A 180 18.63 25.04 11.65
N VAL A 181 19.06 23.87 11.19
CA VAL A 181 20.40 23.73 10.64
C VAL A 181 20.53 24.54 9.34
N SER A 182 19.44 24.62 8.57
CA SER A 182 19.44 25.36 7.30
C SER A 182 19.53 26.88 7.48
N LYS A 183 19.01 27.38 8.58
CA LYS A 183 19.24 28.77 8.98
C LYS A 183 20.66 29.04 9.51
N GLN A 184 21.35 28.00 9.99
CA GLN A 184 22.74 28.10 10.51
C GLN A 184 23.85 27.82 9.50
N VAL A 185 23.54 27.01 8.50
CA VAL A 185 24.47 26.63 7.44
C VAL A 185 23.80 26.97 6.13
N ASN A 186 24.57 27.45 5.17
CA ASN A 186 24.02 27.63 3.85
C ASN A 186 23.94 26.28 3.13
N MET A 187 22.76 25.69 3.21
CA MET A 187 22.33 24.63 2.31
C MET A 187 21.47 25.42 1.32
N GLU A 188 21.67 25.23 0.03
CA GLU A 188 20.79 25.88 -0.96
C GLU A 188 19.57 24.98 -1.08
N LEU A 189 18.63 25.10 -0.15
CA LEU A 189 17.43 24.25 -0.20
C LEU A 189 16.51 24.68 -1.35
N ALA A 190 16.11 23.69 -2.16
CA ALA A 190 15.25 23.90 -3.32
C ALA A 190 14.10 22.90 -3.28
N LYS A 191 12.88 23.41 -3.38
CA LYS A 191 11.70 22.54 -3.38
C LYS A 191 11.71 21.59 -4.58
N ILE A 192 11.29 20.35 -4.33
CA ILE A 192 11.16 19.32 -5.35
C ILE A 192 9.68 19.23 -5.70
N LYS A 193 9.36 19.38 -6.99
CA LYS A 193 7.98 19.30 -7.45
C LYS A 193 7.55 17.84 -7.58
N GLN A 194 6.34 17.54 -7.13
CA GLN A 194 5.82 16.18 -7.06
C GLN A 194 5.68 15.44 -8.38
N LYS A 195 5.55 16.20 -9.48
CA LYS A 195 5.20 15.64 -10.78
C LYS A 195 6.26 14.65 -11.23
N CYS A 196 5.82 13.41 -11.49
CA CYS A 196 6.70 12.31 -11.82
C CYS A 196 6.07 11.41 -12.89
N PRO A 197 6.36 11.66 -14.17
CA PRO A 197 5.76 10.77 -15.15
C PRO A 197 6.53 9.47 -15.25
N LEU A 198 5.81 8.35 -15.42
CA LEU A 198 6.40 7.05 -15.72
C LEU A 198 6.53 6.79 -17.20
N TYR A 199 7.64 6.18 -17.62
CA TYR A 199 7.87 5.76 -18.99
C TYR A 199 8.13 4.27 -18.97
N GLU A 200 7.43 3.51 -19.80
CA GLU A 200 7.49 2.05 -19.79
C GLU A 200 8.72 1.62 -20.51
N ALA A 201 9.01 0.31 -20.50
CA ALA A 201 10.28 -0.20 -21.10
C ALA A 201 10.58 0.30 -22.52
N ASN A 202 9.54 0.39 -23.37
CA ASN A 202 9.68 0.95 -24.73
C ASN A 202 10.13 2.42 -24.81
N GLY A 203 9.92 3.19 -23.74
CA GLY A 203 10.26 4.62 -23.68
C GLY A 203 9.09 5.58 -23.82
N GLN A 204 7.86 5.06 -23.75
CA GLN A 204 6.66 5.86 -23.94
C GLN A 204 5.95 6.09 -22.61
N ALA A 205 5.47 7.31 -22.41
CA ALA A 205 4.66 7.63 -21.26
C ALA A 205 3.58 6.56 -21.07
N VAL A 206 3.42 6.11 -19.84
CA VAL A 206 2.23 5.38 -19.46
C VAL A 206 1.13 6.39 -19.68
N PRO A 207 0.03 5.98 -20.36
CA PRO A 207 -1.06 6.95 -20.58
C PRO A 207 -1.80 7.28 -19.28
N LYS A 208 -2.26 8.52 -19.18
CA LYS A 208 -2.83 9.07 -17.95
C LYS A 208 -3.89 8.19 -17.24
N GLU A 209 -4.81 7.60 -17.98
CA GLU A 209 -5.89 6.86 -17.30
C GLU A 209 -5.38 5.59 -16.61
N LYS A 210 -4.39 4.94 -17.24
CA LYS A 210 -3.82 3.68 -16.74
C LYS A 210 -2.94 3.96 -15.51
N ASP A 211 -2.09 4.97 -15.67
CA ASP A 211 -1.30 5.49 -14.59
C ASP A 211 -2.13 5.67 -13.32
N GLU A 212 -3.25 6.36 -13.44
CA GLU A 212 -4.10 6.63 -12.29
C GLU A 212 -4.80 5.41 -11.74
N MET A 213 -5.09 4.45 -12.60
CA MET A 213 -5.80 3.23 -12.19
C MET A 213 -4.87 2.28 -11.46
N VAL A 214 -3.64 2.14 -11.95
CA VAL A 214 -2.68 1.23 -11.32
C VAL A 214 -2.27 1.79 -9.95
N GLU A 215 -2.01 3.09 -9.88
CA GLU A 215 -1.68 3.72 -8.62
C GLU A 215 -2.79 3.53 -7.59
N GLN A 216 -4.05 3.73 -8.00
CA GLN A 216 -5.18 3.53 -7.08
C GLN A 216 -5.23 2.09 -6.60
N GLU A 217 -4.93 1.17 -7.50
CA GLU A 217 -4.94 -0.24 -7.15
C GLU A 217 -3.80 -0.61 -6.20
N PHE A 218 -2.63 -0.01 -6.46
CA PHE A 218 -1.47 -0.15 -5.56
C PHE A 218 -1.80 0.25 -4.11
N ASN A 219 -2.39 1.43 -3.94
CA ASN A 219 -2.77 1.91 -2.60
C ASN A 219 -3.88 1.09 -1.96
N ARG A 220 -4.79 0.57 -2.80
CA ARG A 220 -5.83 -0.33 -2.31
C ARG A 220 -5.20 -1.64 -1.85
N LEU A 221 -4.27 -2.16 -2.64
CA LEU A 221 -3.55 -3.36 -2.25
C LEU A 221 -2.80 -3.19 -0.90
N LEU A 222 -2.17 -2.01 -0.75
CA LEU A 222 -1.45 -1.71 0.47
C LEU A 222 -2.38 -1.59 1.65
N GLU A 223 -3.46 -0.83 1.45
CA GLU A 223 -4.50 -0.71 2.48
C GLU A 223 -4.93 -2.11 2.92
N ALA A 224 -5.11 -3.02 1.96
CA ALA A 224 -5.53 -4.38 2.28
C ALA A 224 -4.51 -5.18 3.13
N THR A 225 -3.21 -5.03 2.86
CA THR A 225 -2.18 -5.68 3.72
C THR A 225 -2.29 -5.15 5.12
N SER A 226 -2.55 -3.86 5.24
CA SER A 226 -2.76 -3.30 6.59
C SER A 226 -3.98 -3.91 7.26
N TYR A 227 -5.11 -3.93 6.53
CA TYR A 227 -6.32 -4.60 6.99
C TYR A 227 -6.05 -6.06 7.41
N LEU A 228 -5.40 -6.83 6.53
CA LEU A 228 -4.96 -8.20 6.85
C LEU A 228 -4.18 -8.28 8.17
N SER A 229 -3.28 -7.32 8.38
CA SER A 229 -2.46 -7.28 9.59
C SER A 229 -3.25 -6.96 10.85
N HIS A 230 -3.96 -5.83 10.84
CA HIS A 230 -4.59 -5.30 12.07
C HIS A 230 -5.94 -5.91 12.44
N GLN A 231 -6.75 -6.26 11.44
CA GLN A 231 -8.11 -6.76 11.66
C GLN A 231 -8.17 -8.29 11.64
N LEU A 232 -7.49 -8.93 10.70
CA LEU A 232 -7.45 -10.40 10.64
C LEU A 232 -6.30 -11.06 11.41
N ASP A 233 -5.44 -10.28 12.09
CA ASP A 233 -4.24 -10.77 12.78
C ASP A 233 -3.43 -11.81 11.96
N PHE A 234 -3.18 -11.46 10.70
CA PHE A 234 -2.44 -12.31 9.76
C PHE A 234 -0.95 -11.96 9.83
N ASN A 235 -0.32 -12.34 10.94
CA ASN A 235 1.10 -11.97 11.16
C ASN A 235 2.08 -13.11 11.34
N VAL A 236 1.57 -14.34 11.47
CA VAL A 236 2.42 -15.55 11.51
C VAL A 236 1.93 -16.55 10.45
N LEU A 237 2.86 -17.20 9.76
CA LEU A 237 2.54 -18.19 8.73
C LEU A 237 3.68 -19.20 8.58
N ASN A 238 3.41 -20.46 8.93
CA ASN A 238 4.41 -21.54 9.01
C ASN A 238 5.42 -21.28 10.10
N ASN A 239 4.92 -20.78 11.23
CA ASN A 239 5.75 -20.47 12.38
C ASN A 239 6.84 -19.39 12.04
N LYS A 240 6.53 -18.48 11.13
CA LYS A 240 7.45 -17.44 10.65
C LYS A 240 6.68 -16.13 10.49
N PRO A 241 7.32 -14.98 10.80
CA PRO A 241 6.58 -13.73 10.65
C PRO A 241 6.27 -13.39 9.20
N VAL A 242 5.11 -12.80 8.98
CA VAL A 242 4.65 -12.50 7.63
C VAL A 242 5.32 -11.23 7.24
N SER A 243 5.82 -11.22 6.01
CA SER A 243 6.45 -10.08 5.44
C SER A 243 5.45 -9.31 4.62
N LEU A 244 5.75 -8.05 4.37
CA LEU A 244 4.90 -7.24 3.53
C LEU A 244 4.79 -7.82 2.11
N GLY A 245 5.88 -8.33 1.57
CA GLY A 245 5.90 -8.98 0.26
C GLY A 245 4.92 -10.16 0.19
N GLN A 246 4.95 -11.06 1.18
CA GLN A 246 3.99 -12.17 1.24
C GLN A 246 2.55 -11.70 1.25
N ALA A 247 2.26 -10.73 2.10
CA ALA A 247 0.92 -10.20 2.29
C ALA A 247 0.37 -9.64 1.01
N LEU A 248 1.17 -8.87 0.31
CA LEU A 248 0.79 -8.36 -0.99
C LEU A 248 0.49 -9.49 -1.98
N GLU A 249 1.29 -10.57 -1.93
CA GLU A 249 1.09 -11.73 -2.81
C GLU A 249 -0.27 -12.33 -2.53
N VAL A 250 -0.54 -12.58 -1.27
CA VAL A 250 -1.81 -13.13 -0.82
C VAL A 250 -2.98 -12.26 -1.22
N VAL A 251 -2.85 -10.96 -1.03
CA VAL A 251 -3.92 -10.05 -1.39
C VAL A 251 -4.15 -10.10 -2.91
N ILE A 252 -3.08 -10.10 -3.69
CA ILE A 252 -3.20 -10.13 -5.14
C ILE A 252 -3.86 -11.44 -5.61
N GLN A 253 -3.51 -12.54 -4.96
CA GLN A 253 -4.09 -13.84 -5.27
C GLN A 253 -5.57 -13.83 -5.01
N LEU A 254 -6.00 -13.28 -3.89
CA LEU A 254 -7.43 -13.19 -3.60
C LEU A 254 -8.23 -12.28 -4.55
N GLN A 255 -7.58 -11.36 -5.25
CA GLN A 255 -8.26 -10.50 -6.21
C GLN A 255 -8.39 -11.23 -7.52
N GLU A 256 -7.39 -12.05 -7.81
CA GLU A 256 -7.44 -12.99 -8.91
C GLU A 256 -8.55 -14.05 -8.68
N LYS A 257 -8.60 -14.63 -7.49
CA LYS A 257 -9.70 -15.53 -7.10
C LYS A 257 -11.05 -14.91 -7.38
N HIS A 258 -11.27 -13.70 -6.88
CA HIS A 258 -12.56 -13.03 -7.05
C HIS A 258 -12.88 -12.76 -8.52
N VAL A 259 -11.90 -12.36 -9.32
CA VAL A 259 -12.13 -12.18 -10.75
C VAL A 259 -12.64 -13.48 -11.41
N LYS A 260 -12.10 -14.62 -10.98
CA LYS A 260 -12.49 -15.92 -11.48
C LYS A 260 -13.84 -16.36 -10.91
N ASP A 261 -14.07 -16.17 -9.61
CA ASP A 261 -15.37 -16.45 -8.99
C ASP A 261 -16.53 -15.68 -9.65
N GLU A 262 -16.22 -14.48 -10.13
CA GLU A 262 -17.19 -13.56 -10.72
C GLU A 262 -17.56 -14.02 -12.13
N GLN A 263 -16.57 -14.53 -12.85
CA GLN A 263 -16.79 -15.09 -14.17
C GLN A 263 -17.67 -16.34 -14.09
N ILE A 264 -17.27 -17.27 -13.24
CA ILE A 264 -18.06 -18.45 -12.92
C ILE A 264 -19.52 -18.08 -12.65
N GLU A 265 -19.76 -17.25 -11.64
CA GLU A 265 -21.13 -16.85 -11.28
C GLU A 265 -21.94 -16.32 -12.49
N HIS A 266 -21.29 -15.57 -13.37
CA HIS A 266 -21.91 -14.96 -14.56
C HIS A 266 -22.26 -15.99 -15.63
N TRP A 267 -21.29 -16.82 -15.99
CA TRP A 267 -21.55 -17.91 -16.94
C TRP A 267 -22.52 -18.96 -16.36
N LYS A 268 -22.56 -19.13 -15.04
CA LYS A 268 -23.54 -20.00 -14.40
C LYS A 268 -24.97 -19.52 -14.54
N LYS A 269 -25.19 -18.20 -14.57
CA LYS A 269 -26.55 -17.70 -14.73
C LYS A 269 -26.92 -17.67 -16.21
N ILE A 270 -25.95 -17.55 -17.10
CA ILE A 270 -26.18 -17.82 -18.51
C ILE A 270 -26.67 -19.27 -18.75
N VAL A 271 -26.04 -20.29 -18.15
CA VAL A 271 -26.53 -21.65 -18.32
C VAL A 271 -27.89 -21.87 -17.71
N LYS A 272 -28.17 -21.25 -16.57
CA LYS A 272 -29.48 -21.44 -15.92
C LYS A 272 -30.60 -20.90 -16.84
N THR A 273 -30.28 -19.88 -17.61
CA THR A 273 -31.23 -19.20 -18.47
C THR A 273 -31.37 -19.97 -19.79
N GLN A 274 -30.26 -20.46 -20.34
CA GLN A 274 -30.29 -21.33 -21.50
C GLN A 274 -31.05 -22.65 -21.25
N GLU A 275 -31.00 -23.15 -20.02
CA GLU A 275 -31.63 -24.40 -19.65
C GLU A 275 -33.13 -24.20 -19.47
N GLU A 276 -33.52 -23.05 -18.93
CA GLU A 276 -34.92 -22.60 -18.92
C GLU A 276 -35.47 -22.53 -20.36
N LEU A 277 -34.67 -21.96 -21.25
CA LEU A 277 -35.02 -21.82 -22.64
C LEU A 277 -35.13 -23.20 -23.33
N LYS A 278 -34.17 -24.09 -23.07
CA LYS A 278 -34.20 -25.48 -23.55
C LYS A 278 -35.52 -26.14 -23.17
N GLU A 279 -35.83 -26.14 -21.88
CA GLU A 279 -37.10 -26.68 -21.39
C GLU A 279 -38.30 -26.08 -22.12
N LEU A 280 -38.30 -24.78 -22.31
CA LEU A 280 -39.40 -24.09 -22.98
C LEU A 280 -39.45 -24.43 -24.47
N LEU A 281 -38.31 -24.47 -25.14
CA LEU A 281 -38.31 -24.80 -26.57
C LEU A 281 -38.82 -26.24 -26.85
N ASN A 282 -38.46 -27.19 -25.98
CA ASN A 282 -39.00 -28.55 -26.06
C ASN A 282 -40.51 -28.56 -25.91
N LYS A 283 -41.02 -27.81 -24.93
CA LYS A 283 -42.45 -27.66 -24.69
C LYS A 283 -43.17 -27.07 -25.93
N MET A 284 -42.52 -26.11 -26.59
CA MET A 284 -43.06 -25.49 -27.79
C MET A 284 -42.99 -26.38 -29.04
N VAL A 285 -41.98 -27.23 -29.15
CA VAL A 285 -41.83 -28.14 -30.31
C VAL A 285 -42.89 -29.26 -30.27
N ASN A 286 -43.07 -29.84 -29.08
CA ASN A 286 -44.18 -30.75 -28.82
C ASN A 286 -45.58 -30.17 -29.07
N LEU A 287 -45.81 -28.95 -28.61
CA LEU A 287 -47.09 -28.28 -28.85
C LEU A 287 -47.28 -27.89 -30.31
N LYS A 288 -46.20 -27.58 -31.04
CA LYS A 288 -46.32 -27.27 -32.45
C LYS A 288 -46.79 -28.52 -33.24
N GLU A 289 -46.26 -29.69 -32.88
CA GLU A 289 -46.65 -30.94 -33.53
C GLU A 289 -48.08 -31.36 -33.10
N LYS A 290 -48.46 -31.01 -31.87
CA LYS A 290 -49.82 -31.25 -31.40
C LYS A 290 -50.81 -30.37 -32.17
N ILE A 291 -50.40 -29.14 -32.44
CA ILE A 291 -51.18 -28.19 -33.23
C ILE A 291 -51.29 -28.63 -34.67
N LYS A 292 -50.20 -29.13 -35.25
CA LYS A 292 -50.17 -29.64 -36.62
C LYS A 292 -51.20 -30.75 -36.85
N GLU A 293 -51.16 -31.79 -36.01
CA GLU A 293 -52.07 -32.91 -36.09
C GLU A 293 -53.53 -32.43 -35.94
N LEU A 294 -53.79 -31.63 -34.91
CA LEU A 294 -55.14 -31.12 -34.61
C LEU A 294 -55.73 -30.24 -35.73
N HIS A 295 -54.86 -29.58 -36.47
CA HIS A 295 -55.26 -28.81 -37.65
C HIS A 295 -55.71 -29.77 -38.75
N GLN A 296 -54.98 -30.87 -38.94
CA GLN A 296 -55.35 -31.87 -39.93
C GLN A 296 -56.76 -32.40 -39.58
N GLN A 297 -56.94 -32.76 -38.31
CA GLN A 297 -58.22 -33.23 -37.79
C GLN A 297 -59.38 -32.28 -38.03
N TYR A 298 -59.15 -30.98 -37.91
CA TYR A 298 -60.18 -29.96 -38.20
C TYR A 298 -60.36 -29.81 -39.70
N LYS A 299 -59.28 -29.91 -40.47
CA LYS A 299 -59.35 -29.82 -41.92
C LYS A 299 -60.24 -30.97 -42.43
N GLU A 300 -59.90 -32.20 -42.08
CA GLU A 300 -60.71 -33.38 -42.42
C GLU A 300 -62.18 -33.19 -42.04
N ALA A 301 -62.42 -32.83 -40.79
CA ALA A 301 -63.79 -32.69 -40.30
C ALA A 301 -64.59 -31.62 -41.04
N SER A 302 -63.93 -30.58 -41.55
CA SER A 302 -64.64 -29.53 -42.29
C SER A 302 -64.70 -29.77 -43.82
N GLU A 303 -63.88 -30.69 -44.34
CA GLU A 303 -63.96 -31.14 -45.76
C GLU A 303 -65.20 -32.03 -45.99
N VAL A 304 -65.81 -32.53 -44.91
CA VAL A 304 -67.12 -33.18 -44.92
C VAL A 304 -68.17 -32.13 -45.25
N LYS A 305 -68.57 -32.03 -46.52
CA LYS A 305 -69.47 -30.98 -46.96
C LYS A 305 -70.86 -31.19 -46.36
N PRO A 306 -71.57 -30.08 -46.06
CA PRO A 306 -72.96 -30.21 -45.62
C PRO A 306 -73.88 -30.82 -46.70
N PRO A 307 -75.10 -31.19 -46.36
CA PRO A 307 -75.65 -31.08 -44.99
C PRO A 307 -75.08 -32.13 -44.06
N ARG A 308 -74.97 -31.80 -42.76
CA ARG A 308 -74.41 -32.76 -41.79
C ARG A 308 -75.22 -32.88 -40.51
N ASP A 309 -75.16 -34.05 -39.87
CA ASP A 309 -75.83 -34.25 -38.59
C ASP A 309 -75.11 -33.39 -37.53
N ILE A 310 -75.62 -33.34 -36.31
CA ILE A 310 -75.13 -32.38 -35.31
C ILE A 310 -73.85 -32.84 -34.62
N THR A 311 -73.61 -34.14 -34.56
CA THR A 311 -72.31 -34.64 -34.13
C THR A 311 -71.18 -34.25 -35.09
N ALA A 312 -71.45 -34.17 -36.38
CA ALA A 312 -70.41 -33.80 -37.34
C ALA A 312 -70.15 -32.29 -37.37
N GLU A 313 -71.16 -31.52 -36.98
CA GLU A 313 -71.05 -30.07 -36.86
C GLU A 313 -70.27 -29.80 -35.57
N PHE A 314 -70.65 -30.49 -34.50
CA PHE A 314 -69.92 -30.45 -33.25
C PHE A 314 -68.45 -30.77 -33.45
N LEU A 315 -68.16 -31.77 -34.26
CA LEU A 315 -66.77 -32.14 -34.50
C LEU A 315 -65.98 -30.97 -35.06
N VAL A 316 -66.55 -30.28 -36.03
CA VAL A 316 -65.89 -29.13 -36.62
C VAL A 316 -65.69 -28.03 -35.59
N LYS A 317 -66.73 -27.76 -34.78
CA LYS A 317 -66.73 -26.66 -33.82
C LYS A 317 -65.80 -26.96 -32.65
N SER A 318 -65.89 -28.17 -32.11
CA SER A 318 -65.06 -28.56 -31.00
C SER A 318 -63.59 -28.53 -31.39
N LYS A 319 -63.24 -28.96 -32.60
CA LYS A 319 -61.83 -28.95 -33.05
C LYS A 319 -61.36 -27.53 -33.31
N HIS A 320 -62.26 -26.65 -33.72
CA HIS A 320 -61.94 -25.22 -33.90
C HIS A 320 -61.55 -24.59 -32.56
N ARG A 321 -62.35 -24.87 -31.54
CA ARG A 321 -62.11 -24.34 -30.22
C ARG A 321 -60.79 -24.86 -29.67
N ASP A 322 -60.63 -26.18 -29.71
CA ASP A 322 -59.42 -26.84 -29.27
C ASP A 322 -58.19 -26.28 -30.00
N LEU A 323 -58.31 -25.97 -31.29
CA LEU A 323 -57.17 -25.49 -32.04
C LEU A 323 -56.84 -24.04 -31.75
N THR A 324 -57.82 -23.19 -31.48
CA THR A 324 -57.51 -21.81 -31.08
C THR A 324 -56.94 -21.77 -29.65
N ALA A 325 -57.44 -22.60 -28.74
CA ALA A 325 -56.91 -22.71 -27.37
C ALA A 325 -55.42 -23.11 -27.30
N LEU A 326 -55.03 -24.07 -28.13
CA LEU A 326 -53.63 -24.46 -28.27
C LEU A 326 -52.79 -23.42 -28.98
N CYS A 327 -53.36 -22.70 -29.92
CA CYS A 327 -52.67 -21.57 -30.53
C CYS A 327 -52.51 -20.41 -29.52
N LYS A 328 -53.39 -20.34 -28.52
CA LYS A 328 -53.24 -19.39 -27.42
C LYS A 328 -52.01 -19.75 -26.58
N GLU A 329 -51.98 -20.96 -26.01
CA GLU A 329 -50.80 -21.46 -25.28
C GLU A 329 -49.48 -21.13 -25.98
N TYR A 330 -49.37 -21.54 -27.24
CA TYR A 330 -48.16 -21.34 -28.03
C TYR A 330 -47.83 -19.87 -28.25
N ASP A 331 -48.84 -19.02 -28.28
CA ASP A 331 -48.61 -17.57 -28.39
C ASP A 331 -48.08 -16.99 -27.06
N GLU A 332 -48.67 -17.41 -25.93
CA GLU A 332 -48.18 -17.05 -24.59
C GLU A 332 -46.80 -17.64 -24.27
N LEU A 333 -46.46 -18.79 -24.86
CA LEU A 333 -45.14 -19.39 -24.70
C LEU A 333 -44.06 -18.68 -25.53
N ALA A 334 -44.40 -18.21 -26.73
CA ALA A 334 -43.46 -17.43 -27.54
C ALA A 334 -43.25 -16.00 -27.01
N GLU A 335 -44.18 -15.53 -26.17
CA GLU A 335 -43.96 -14.35 -25.32
C GLU A 335 -42.78 -14.68 -24.41
N THR A 336 -42.97 -15.68 -23.53
CA THR A 336 -41.93 -16.14 -22.62
C THR A 336 -40.61 -16.48 -23.34
N GLN A 337 -40.68 -17.00 -24.56
CA GLN A 337 -39.46 -17.22 -25.37
C GLN A 337 -38.74 -15.90 -25.63
N GLY A 338 -39.49 -14.87 -26.01
CA GLY A 338 -38.93 -13.58 -26.42
C GLY A 338 -38.23 -12.82 -25.31
N LYS A 339 -38.74 -12.92 -24.09
CA LYS A 339 -38.16 -12.24 -22.93
C LYS A 339 -36.89 -12.93 -22.42
N LEU A 340 -36.86 -14.26 -22.39
CA LEU A 340 -35.62 -15.01 -22.06
C LEU A 340 -34.52 -14.85 -23.11
N GLU A 341 -34.87 -14.57 -24.36
CA GLU A 341 -33.84 -14.27 -25.39
C GLU A 341 -33.24 -12.87 -25.25
N GLU A 342 -34.01 -11.94 -24.66
CA GLU A 342 -33.55 -10.59 -24.36
C GLU A 342 -32.58 -10.65 -23.19
N LYS A 343 -33.01 -11.30 -22.09
CA LYS A 343 -32.17 -11.57 -20.92
C LYS A 343 -30.84 -12.23 -21.26
N LEU A 344 -30.83 -13.09 -22.27
CA LEU A 344 -29.61 -13.76 -22.73
C LEU A 344 -28.67 -12.83 -23.51
N GLN A 345 -29.22 -11.92 -24.31
CA GLN A 345 -28.42 -10.95 -25.09
C GLN A 345 -27.84 -9.85 -24.18
N GLU A 346 -28.52 -9.58 -23.06
CA GLU A 346 -28.05 -8.66 -22.03
C GLU A 346 -26.81 -9.19 -21.30
N LEU A 347 -26.91 -10.41 -20.75
CA LEU A 347 -25.81 -11.05 -20.05
C LEU A 347 -24.61 -11.32 -20.99
N GLU A 348 -24.88 -11.73 -22.22
CA GLU A 348 -23.82 -11.89 -23.24
C GLU A 348 -23.02 -10.60 -23.48
N ALA A 349 -23.67 -9.44 -23.36
CA ALA A 349 -23.04 -8.13 -23.56
C ALA A 349 -22.59 -7.40 -22.28
N ASN A 350 -22.90 -7.96 -21.10
CA ASN A 350 -22.41 -7.43 -19.80
C ASN A 350 -21.49 -8.41 -19.01
N PRO A 351 -20.37 -8.84 -19.61
CA PRO A 351 -19.49 -9.75 -18.87
C PRO A 351 -18.65 -9.01 -17.83
N PRO A 352 -18.30 -9.68 -16.72
CA PRO A 352 -17.33 -9.09 -15.80
C PRO A 352 -15.92 -9.14 -16.38
N SER A 353 -14.95 -8.58 -15.66
CA SER A 353 -13.60 -8.43 -16.18
C SER A 353 -12.93 -9.77 -16.45
N ASP A 354 -12.11 -9.77 -17.50
CA ASP A 354 -11.43 -10.96 -17.99
C ASP A 354 -10.24 -11.31 -17.08
N VAL A 355 -9.54 -10.27 -16.61
CA VAL A 355 -8.32 -10.42 -15.82
C VAL A 355 -8.28 -9.39 -14.68
N TYR A 356 -7.60 -9.74 -13.57
CA TYR A 356 -7.35 -8.76 -12.50
C TYR A 356 -6.42 -7.64 -12.99
N LEU A 357 -5.25 -8.02 -13.50
CA LEU A 357 -4.31 -7.06 -14.09
C LEU A 357 -3.62 -7.63 -15.31
N SER A 358 -3.51 -6.82 -16.36
CA SER A 358 -2.79 -7.22 -17.55
C SER A 358 -1.30 -7.32 -17.29
N SER A 359 -0.54 -7.72 -18.28
CA SER A 359 0.91 -7.75 -18.16
C SER A 359 1.44 -6.35 -17.89
N ARG A 360 0.96 -5.37 -18.64
CA ARG A 360 1.40 -3.99 -18.49
C ARG A 360 0.99 -3.44 -17.14
N ASP A 361 -0.22 -3.77 -16.71
CA ASP A 361 -0.69 -3.30 -15.43
C ASP A 361 0.22 -3.77 -14.28
N ARG A 362 0.64 -5.05 -14.32
CA ARG A 362 1.49 -5.62 -13.28
C ARG A 362 2.91 -5.05 -13.33
N GLN A 363 3.40 -4.71 -14.51
CA GLN A 363 4.68 -4.00 -14.67
C GLN A 363 4.68 -2.62 -14.01
N ILE A 364 3.63 -1.87 -14.28
CA ILE A 364 3.47 -0.55 -13.69
C ILE A 364 3.23 -0.70 -12.18
N LEU A 365 2.46 -1.70 -11.77
CA LEU A 365 2.27 -1.94 -10.35
C LEU A 365 3.63 -2.21 -9.66
N ASP A 366 4.51 -2.93 -10.35
CA ASP A 366 5.82 -3.27 -9.86
C ASP A 366 6.65 -2.03 -9.63
N TRP A 367 6.46 -1.00 -10.45
CA TRP A 367 7.17 0.25 -10.23
C TRP A 367 6.87 0.83 -8.87
N HIS A 368 5.59 0.88 -8.51
CA HIS A 368 5.18 1.35 -7.18
C HIS A 368 5.76 0.48 -6.07
N PHE A 369 5.84 -0.83 -6.29
CA PHE A 369 6.49 -1.72 -5.35
C PHE A 369 8.00 -1.41 -5.23
N ALA A 370 8.64 -1.11 -6.34
CA ALA A 370 10.04 -0.75 -6.34
C ALA A 370 10.24 0.52 -5.52
N ASN A 371 9.34 1.48 -5.67
CA ASN A 371 9.34 2.74 -4.93
C ASN A 371 9.24 2.50 -3.44
N LEU A 372 8.55 1.45 -3.05
CA LEU A 372 8.46 1.05 -1.66
C LEU A 372 9.80 0.40 -1.24
N GLU A 373 10.43 -0.33 -2.15
CA GLU A 373 11.72 -0.95 -1.89
C GLU A 373 12.86 0.05 -1.78
N PHE A 374 12.76 1.14 -2.53
CA PHE A 374 13.63 2.27 -2.37
C PHE A 374 13.45 2.90 -0.98
N ALA A 375 12.21 3.13 -0.58
CA ALA A 375 11.93 3.81 0.66
C ALA A 375 12.48 3.09 1.89
N ASN A 376 12.28 1.79 1.92
CA ASN A 376 12.75 0.95 2.99
C ASN A 376 14.12 0.35 2.72
N ALA A 377 14.74 0.79 1.63
CA ALA A 377 16.01 0.24 1.19
C ALA A 377 16.17 -1.29 1.26
N THR A 378 15.11 -2.05 1.00
CA THR A 378 15.16 -3.47 1.08
C THR A 378 14.03 -4.11 0.24
N PRO A 379 14.19 -5.38 -0.15
CA PRO A 379 13.10 -6.08 -0.82
C PRO A 379 11.89 -6.23 0.07
N LEU A 380 10.70 -6.16 -0.51
CA LEU A 380 9.50 -6.21 0.32
C LEU A 380 9.34 -7.48 1.11
N SER A 381 9.97 -8.56 0.67
CA SER A 381 9.94 -9.80 1.41
C SER A 381 10.70 -9.78 2.72
N THR A 382 11.55 -8.75 2.93
CA THR A 382 12.25 -8.56 4.22
C THR A 382 11.49 -7.68 5.23
N LEU A 383 10.57 -6.84 4.78
CA LEU A 383 9.78 -5.96 5.67
C LEU A 383 8.75 -6.62 6.55
N SER A 384 8.74 -6.26 7.84
CA SER A 384 7.66 -6.59 8.76
C SER A 384 6.34 -6.10 8.20
N LEU A 385 5.35 -6.99 8.16
CA LEU A 385 4.01 -6.59 7.72
C LEU A 385 3.39 -5.66 8.74
N LYS A 386 3.42 -6.04 10.02
CA LYS A 386 2.78 -5.23 11.03
C LYS A 386 3.46 -3.85 11.22
N HIS A 387 4.80 -3.80 11.13
CA HIS A 387 5.57 -2.68 11.70
C HIS A 387 6.44 -1.87 10.76
N TRP A 388 6.42 -2.17 9.46
CA TRP A 388 7.32 -1.50 8.54
C TRP A 388 7.14 0.01 8.47
N ASP A 389 5.92 0.45 8.71
CA ASP A 389 5.53 1.84 8.55
C ASP A 389 5.30 2.48 9.92
N GLN A 390 5.92 1.90 10.95
CA GLN A 390 5.57 2.26 12.34
C GLN A 390 5.88 3.69 12.72
N ASP A 391 6.75 4.33 11.95
CA ASP A 391 7.09 5.73 12.13
C ASP A 391 6.28 6.75 11.32
N ASP A 392 5.27 6.30 10.58
CA ASP A 392 4.43 7.19 9.77
C ASP A 392 3.85 8.42 10.50
N ASP A 393 3.39 8.26 11.74
CA ASP A 393 2.80 9.39 12.47
C ASP A 393 3.76 10.56 12.72
N PHE A 394 5.07 10.37 12.55
CA PHE A 394 6.03 11.42 12.83
C PHE A 394 6.57 12.05 11.58
N GLU A 395 5.99 11.73 10.45
CA GLU A 395 6.28 12.42 9.17
C GLU A 395 6.19 13.95 9.37
N PHE A 396 7.16 14.63 8.80
CA PHE A 396 7.16 16.06 8.78
C PHE A 396 6.21 16.55 7.67
N THR A 397 5.83 17.82 7.74
CA THR A 397 4.95 18.42 6.77
C THR A 397 5.77 19.30 5.85
N GLY A 398 5.22 19.55 4.66
CA GLY A 398 5.84 20.44 3.70
C GLY A 398 6.51 19.71 2.55
N SER A 399 6.94 20.50 1.57
CA SER A 399 7.63 19.98 0.43
C SER A 399 8.96 19.41 0.86
N HIS A 400 9.37 18.36 0.16
CA HIS A 400 10.72 17.83 0.25
C HIS A 400 11.64 18.73 -0.51
N LEU A 401 12.89 18.81 -0.08
CA LEU A 401 13.88 19.73 -0.68
C LEU A 401 15.21 19.06 -0.95
N THR A 402 15.79 19.42 -2.07
CA THR A 402 17.15 19.09 -2.43
C THR A 402 18.06 20.00 -1.64
N VAL A 403 19.27 19.53 -1.36
CA VAL A 403 20.33 20.35 -0.80
C VAL A 403 21.26 20.67 -1.96
N ARG A 404 21.04 21.80 -2.61
CA ARG A 404 21.76 22.09 -3.87
C ARG A 404 23.26 22.33 -3.73
N ASN A 405 23.68 22.75 -2.54
CA ASN A 405 25.11 22.88 -2.21
C ASN A 405 25.85 21.58 -2.08
N GLY A 406 25.13 20.46 -2.01
CA GLY A 406 25.72 19.18 -1.60
C GLY A 406 25.49 19.06 -0.10
N TYR A 407 24.84 17.97 0.32
CA TYR A 407 24.54 17.75 1.74
C TYR A 407 25.81 17.75 2.63
N SER A 408 26.99 17.40 2.09
CA SER A 408 28.23 17.44 2.86
C SER A 408 28.46 18.77 3.59
N CYS A 409 27.93 19.86 3.06
CA CYS A 409 28.07 21.14 3.72
C CYS A 409 27.67 21.10 5.18
N VAL A 410 26.72 20.22 5.53
CA VAL A 410 26.26 20.06 6.91
C VAL A 410 27.28 19.41 7.86
N PRO A 411 27.73 18.18 7.56
CA PRO A 411 28.76 17.62 8.43
C PRO A 411 30.05 18.42 8.50
N VAL A 412 30.47 18.99 7.38
CA VAL A 412 31.67 19.81 7.38
C VAL A 412 31.51 20.97 8.37
N ALA A 413 30.37 21.62 8.35
CA ALA A 413 30.13 22.72 9.27
C ALA A 413 30.11 22.23 10.73
N LEU A 414 29.49 21.08 10.97
CA LEU A 414 29.40 20.52 12.31
C LEU A 414 30.76 20.08 12.86
N ALA A 415 31.69 19.75 11.97
CA ALA A 415 33.05 19.42 12.37
C ALA A 415 33.93 20.62 12.85
N GLU A 416 33.53 21.84 12.53
CA GLU A 416 34.30 23.04 12.91
C GLU A 416 34.64 22.99 14.40
N GLY A 417 35.92 23.06 14.72
CA GLY A 417 36.36 23.18 16.10
C GLY A 417 36.21 21.94 16.96
N LEU A 418 36.31 20.76 16.34
CA LEU A 418 36.15 19.51 17.06
C LEU A 418 37.39 18.72 16.84
N ASP A 419 37.73 17.89 17.83
CA ASP A 419 38.93 17.04 17.73
C ASP A 419 38.56 15.74 16.98
N ILE A 420 38.80 15.74 15.66
CA ILE A 420 38.45 14.59 14.84
C ILE A 420 39.70 13.95 14.31
N LYS A 421 39.85 12.66 14.55
CA LYS A 421 40.96 11.87 14.02
C LYS A 421 40.51 11.01 12.83
N LEU A 422 40.83 11.44 11.61
CA LEU A 422 40.46 10.70 10.42
C LEU A 422 41.38 9.52 10.17
N ASN A 423 41.04 8.68 9.22
CA ASN A 423 41.85 7.52 8.92
C ASN A 423 42.21 6.70 10.14
N THR A 424 41.28 6.62 11.10
CA THR A 424 41.45 5.87 12.34
C THR A 424 40.26 4.92 12.51
N ALA A 425 40.50 3.65 12.24
CA ALA A 425 39.50 2.61 12.30
C ALA A 425 39.52 1.97 13.67
N VAL A 426 38.46 2.18 14.44
CA VAL A 426 38.30 1.46 15.69
C VAL A 426 38.24 -0.05 15.45
N ARG A 427 39.00 -0.80 16.24
CA ARG A 427 39.06 -2.26 16.18
C ARG A 427 38.48 -2.94 17.40
N GLN A 428 38.66 -2.33 18.57
CA GLN A 428 38.20 -2.95 19.80
C GLN A 428 37.74 -1.90 20.80
N VAL A 429 36.66 -2.22 21.50
CA VAL A 429 36.09 -1.32 22.49
C VAL A 429 36.04 -2.08 23.82
N ARG A 430 36.69 -1.51 24.83
CA ARG A 430 36.82 -2.12 26.16
C ARG A 430 36.15 -1.22 27.15
N TYR A 431 35.29 -1.80 27.97
CA TYR A 431 34.53 -1.01 28.94
C TYR A 431 34.49 -1.83 30.23
N THR A 432 34.80 -1.14 31.33
CA THR A 432 34.84 -1.73 32.68
C THR A 432 34.30 -0.69 33.63
N ALA A 433 34.18 -1.08 34.90
CA ALA A 433 33.68 -0.18 35.94
C ALA A 433 34.54 1.03 36.24
N SER A 434 35.84 1.03 35.89
CA SER A 434 36.72 2.20 36.11
C SER A 434 36.85 3.10 34.88
N GLY A 435 36.43 2.62 33.72
CA GLY A 435 36.42 3.44 32.51
C GLY A 435 36.57 2.59 31.27
N CYS A 436 37.01 3.23 30.18
CA CYS A 436 37.05 2.56 28.89
C CYS A 436 38.34 2.80 28.18
N GLU A 437 38.74 1.82 27.38
CA GLU A 437 39.71 2.08 26.33
C GLU A 437 39.23 1.64 24.96
N VAL A 438 39.47 2.52 23.99
CA VAL A 438 39.20 2.25 22.59
C VAL A 438 40.52 2.05 21.88
N ILE A 439 40.62 0.94 21.16
CA ILE A 439 41.81 0.60 20.40
C ILE A 439 41.51 0.68 18.90
N ALA A 440 42.26 1.54 18.22
CA ALA A 440 42.10 1.83 16.80
C ALA A 440 43.42 1.67 16.03
N VAL A 441 43.33 1.66 14.70
CA VAL A 441 44.52 1.63 13.86
C VAL A 441 44.46 2.69 12.78
N ASN A 442 45.59 2.93 12.13
CA ASN A 442 45.65 3.86 11.02
C ASN A 442 45.23 3.08 9.80
N THR A 443 44.24 3.56 9.06
CA THR A 443 43.72 2.80 7.92
C THR A 443 44.74 2.67 6.79
N ARG A 444 45.70 3.59 6.72
CA ARG A 444 46.73 3.62 5.68
C ARG A 444 47.94 2.75 6.00
N SER A 445 48.28 2.59 7.28
CA SER A 445 49.19 1.51 7.74
C SER A 445 48.66 0.87 9.05
N THR A 446 48.09 -0.33 8.91
CA THR A 446 47.32 -0.98 9.97
C THR A 446 48.12 -1.43 11.20
N SER A 447 49.45 -1.38 11.10
CA SER A 447 50.32 -1.70 12.22
C SER A 447 50.33 -0.58 13.28
N GLN A 448 50.20 0.68 12.84
CA GLN A 448 50.12 1.83 13.77
C GLN A 448 48.87 1.75 14.64
N THR A 449 49.06 1.32 15.88
CA THR A 449 47.99 1.11 16.81
C THR A 449 47.85 2.33 17.74
N PHE A 450 46.61 2.66 18.09
CA PHE A 450 46.33 3.78 18.99
C PHE A 450 45.36 3.32 20.09
N ILE A 451 45.52 3.90 21.29
CA ILE A 451 44.77 3.53 22.45
C ILE A 451 44.24 4.83 22.99
N TYR A 452 42.93 4.92 23.16
CA TYR A 452 42.32 6.11 23.75
C TYR A 452 41.59 5.69 25.00
N LYS A 453 41.78 6.46 26.06
CA LYS A 453 41.25 6.15 27.36
C LYS A 453 40.21 7.21 27.66
N CYS A 454 39.07 6.78 28.21
CA CYS A 454 38.00 7.71 28.42
C CYS A 454 37.06 7.18 29.47
N ASP A 455 36.20 8.07 29.94
CA ASP A 455 35.13 7.74 30.88
C ASP A 455 33.95 7.06 30.19
N ALA A 456 33.73 7.37 28.92
CA ALA A 456 32.55 6.91 28.18
C ALA A 456 32.84 6.83 26.71
N VAL A 457 32.28 5.80 26.08
CA VAL A 457 32.35 5.60 24.63
C VAL A 457 30.95 5.78 24.06
N LEU A 458 30.84 6.60 23.00
CA LEU A 458 29.61 6.73 22.23
C LEU A 458 29.83 6.04 20.90
N CYS A 459 29.17 4.89 20.72
CA CYS A 459 29.23 4.11 19.48
C CYS A 459 28.18 4.60 18.46
N THR A 460 28.61 5.12 17.31
CA THR A 460 27.70 5.50 16.19
C THR A 460 27.99 4.67 14.92
N LEU A 461 28.67 3.55 15.10
CA LEU A 461 28.91 2.57 14.04
C LEU A 461 27.59 2.22 13.40
N PRO A 462 27.54 2.12 12.06
CA PRO A 462 26.32 1.75 11.39
C PRO A 462 25.85 0.38 11.76
N LEU A 463 24.54 0.18 11.70
CA LEU A 463 23.95 -1.12 11.97
C LEU A 463 24.61 -2.22 11.12
N GLY A 464 24.93 -1.86 9.88
CA GLY A 464 25.70 -2.72 8.99
C GLY A 464 27.00 -3.22 9.60
N VAL A 465 27.77 -2.28 10.15
CA VAL A 465 29.01 -2.62 10.81
C VAL A 465 28.76 -3.46 12.05
N LEU A 466 27.82 -3.07 12.90
CA LEU A 466 27.54 -3.86 14.09
C LEU A 466 27.17 -5.31 13.77
N LYS A 467 26.53 -5.52 12.63
CA LYS A 467 26.06 -6.84 12.19
C LYS A 467 27.19 -7.69 11.66
N GLN A 468 28.29 -7.05 11.26
CA GLN A 468 29.36 -7.69 10.50
C GLN A 468 29.80 -8.98 11.19
N GLN A 469 29.90 -10.05 10.42
CA GLN A 469 30.22 -11.37 10.98
C GLN A 469 31.12 -12.16 10.00
N PRO A 470 32.39 -12.41 10.32
CA PRO A 470 33.04 -12.10 11.62
C PRO A 470 33.26 -10.59 11.86
N PRO A 471 33.23 -10.13 13.14
CA PRO A 471 33.15 -8.71 13.46
C PRO A 471 34.34 -7.88 13.00
N ALA A 472 34.07 -6.61 12.64
CA ALA A 472 35.14 -5.61 12.43
C ALA A 472 35.57 -4.97 13.74
N VAL A 473 34.66 -4.91 14.70
CA VAL A 473 34.87 -4.30 16.01
C VAL A 473 34.45 -5.30 17.06
N GLN A 474 35.33 -5.49 18.03
CA GLN A 474 35.13 -6.43 19.10
C GLN A 474 34.86 -5.64 20.36
N PHE A 475 33.87 -6.10 21.12
CA PHE A 475 33.51 -5.47 22.36
C PHE A 475 33.99 -6.37 23.48
N VAL A 476 34.66 -5.77 24.47
CA VAL A 476 35.19 -6.51 25.59
C VAL A 476 34.76 -5.82 26.86
N PRO A 477 33.92 -6.47 27.68
CA PRO A 477 33.33 -7.78 27.40
C PRO A 477 32.31 -7.75 26.26
N PRO A 478 31.96 -8.93 25.71
CA PRO A 478 31.01 -8.97 24.59
C PRO A 478 29.71 -8.29 24.99
N LEU A 479 29.03 -7.71 24.00
CA LEU A 479 27.73 -7.12 24.25
C LEU A 479 26.75 -8.19 24.78
N PRO A 480 25.84 -7.81 25.69
CA PRO A 480 24.84 -8.74 26.20
C PRO A 480 23.90 -9.21 25.12
N GLU A 481 23.28 -10.37 25.33
CA GLU A 481 22.40 -11.01 24.33
C GLU A 481 21.25 -10.10 23.93
N TRP A 482 20.77 -9.26 24.86
CA TRP A 482 19.66 -8.39 24.54
C TRP A 482 20.03 -7.38 23.44
N LYS A 483 21.25 -6.86 23.47
CA LYS A 483 21.73 -6.00 22.41
C LYS A 483 22.00 -6.78 21.13
N THR A 484 22.69 -7.93 21.19
CA THR A 484 23.12 -8.61 19.95
C THR A 484 21.95 -9.20 19.18
N SER A 485 20.92 -9.62 19.91
CA SER A 485 19.70 -10.14 19.30
C SER A 485 18.94 -9.07 18.55
N ALA A 486 18.81 -7.89 19.16
CA ALA A 486 18.26 -6.71 18.49
C ALA A 486 19.06 -6.38 17.25
N VAL A 487 20.38 -6.39 17.34
CA VAL A 487 21.22 -6.15 16.16
C VAL A 487 20.91 -7.18 15.09
N GLN A 488 20.75 -8.43 15.49
CA GLN A 488 20.44 -9.49 14.52
C GLN A 488 19.04 -9.26 13.88
N ARG A 489 18.02 -8.99 14.70
CA ARG A 489 16.65 -8.85 14.18
C ARG A 489 16.46 -7.69 13.21
N MET A 490 16.97 -6.52 13.54
CA MET A 490 16.83 -5.36 12.67
C MET A 490 17.37 -5.60 11.27
N GLY A 491 16.74 -4.95 10.30
CA GLY A 491 17.20 -4.97 8.96
C GLY A 491 18.15 -3.85 8.69
N PHE A 492 19.10 -4.11 7.79
CA PHE A 492 19.96 -3.07 7.27
C PHE A 492 19.99 -3.22 5.76
N GLY A 493 19.33 -2.31 5.12
CA GLY A 493 19.08 -2.41 3.72
C GLY A 493 20.18 -1.83 2.87
N ASN A 494 19.87 -1.72 1.60
CA ASN A 494 20.82 -1.24 0.59
C ASN A 494 20.05 -0.46 -0.46
N LEU A 495 20.73 0.48 -1.08
CA LEU A 495 20.17 1.34 -2.08
C LEU A 495 21.35 2.03 -2.75
N ASN A 496 21.33 2.20 -4.06
CA ASN A 496 22.45 2.83 -4.75
C ASN A 496 22.06 3.88 -5.77
N LYS A 497 23.04 4.67 -6.18
CA LYS A 497 22.80 5.83 -7.00
C LYS A 497 23.80 5.86 -8.14
N VAL A 498 23.32 6.24 -9.32
CA VAL A 498 24.15 6.43 -10.49
C VAL A 498 24.04 7.91 -10.84
N VAL A 499 25.16 8.59 -10.83
CA VAL A 499 25.15 10.00 -11.12
C VAL A 499 25.70 10.15 -12.52
N LEU A 500 24.95 10.86 -13.37
CA LEU A 500 25.30 11.08 -14.77
C LEU A 500 25.41 12.57 -15.00
N CYS A 501 26.62 13.02 -15.32
CA CYS A 501 26.92 14.43 -15.59
C CYS A 501 27.12 14.68 -17.09
N PHE A 502 26.38 15.65 -17.63
CA PHE A 502 26.39 15.92 -19.07
C PHE A 502 26.87 17.35 -19.36
N ASP A 503 27.16 17.63 -20.64
CA ASP A 503 27.43 19.03 -21.11
C ASP A 503 26.16 19.84 -21.37
N ARG A 504 25.03 19.16 -21.57
CA ARG A 504 23.77 19.84 -21.89
C ARG A 504 22.56 19.15 -21.27
N VAL A 505 21.55 19.97 -20.95
CA VAL A 505 20.26 19.48 -20.48
C VAL A 505 19.44 18.98 -21.69
N PHE A 506 19.14 17.69 -21.75
CA PHE A 506 18.25 17.13 -22.80
C PHE A 506 16.89 16.66 -22.31
N TRP A 507 16.57 16.93 -21.06
CA TRP A 507 15.36 16.42 -20.40
C TRP A 507 14.52 17.65 -20.08
N ASP A 508 13.34 17.44 -19.54
CA ASP A 508 12.45 18.52 -19.22
C ASP A 508 12.95 19.23 -17.95
N PRO A 509 13.49 20.46 -18.10
CA PRO A 509 14.04 21.16 -16.92
C PRO A 509 13.08 21.43 -15.76
N SER A 510 11.77 21.39 -16.01
CA SER A 510 10.79 21.73 -14.96
C SER A 510 10.23 20.50 -14.24
N VAL A 511 10.75 19.32 -14.57
CA VAL A 511 10.32 18.07 -13.98
C VAL A 511 11.51 17.48 -13.23
N ASN A 512 11.35 17.35 -11.91
CA ASN A 512 12.42 16.87 -11.03
C ASN A 512 12.59 15.36 -11.01
N LEU A 513 11.56 14.64 -11.42
CA LEU A 513 11.43 13.22 -11.17
C LEU A 513 10.81 12.51 -12.36
N PHE A 514 11.38 11.40 -12.80
CA PHE A 514 10.65 10.56 -13.70
C PHE A 514 11.03 9.11 -13.57
N GLY A 515 10.02 8.26 -13.67
CA GLY A 515 10.17 6.83 -13.55
C GLY A 515 10.51 6.12 -14.84
N HIS A 516 11.02 4.91 -14.70
CA HIS A 516 11.24 3.99 -15.78
C HIS A 516 10.73 2.67 -15.28
N VAL A 517 9.78 2.07 -16.00
CA VAL A 517 9.14 0.83 -15.59
C VAL A 517 9.93 -0.33 -16.15
N GLY A 518 10.37 -1.22 -15.28
CA GLY A 518 11.16 -2.36 -15.71
C GLY A 518 10.28 -3.41 -16.34
N SER A 519 10.89 -4.26 -17.16
CA SER A 519 10.19 -5.31 -17.88
C SER A 519 9.76 -6.48 -17.01
N THR A 520 10.55 -6.77 -15.99
CA THR A 520 10.26 -7.89 -15.08
C THR A 520 10.20 -7.42 -13.64
N THR A 521 9.47 -8.19 -12.84
CA THR A 521 9.45 -8.10 -11.40
C THR A 521 10.85 -8.16 -10.78
N ALA A 522 11.66 -9.12 -11.21
CA ALA A 522 13.05 -9.24 -10.76
C ALA A 522 13.87 -7.95 -10.89
N SER A 523 13.64 -7.21 -11.97
CA SER A 523 14.40 -6.00 -12.26
C SER A 523 13.61 -4.74 -11.94
N ARG A 524 12.58 -4.85 -11.10
CA ARG A 524 11.74 -3.69 -10.85
C ARG A 524 12.47 -2.50 -10.24
N GLY A 525 13.45 -2.78 -9.38
CA GLY A 525 14.26 -1.73 -8.77
C GLY A 525 15.37 -1.13 -9.62
N GLU A 526 15.61 -1.69 -10.80
CA GLU A 526 16.78 -1.35 -11.58
C GLU A 526 16.63 -0.05 -12.34
N LEU A 527 17.30 1.00 -11.88
CA LEU A 527 17.25 2.29 -12.53
C LEU A 527 15.79 2.75 -12.70
N PHE A 528 14.97 2.48 -11.68
CA PHE A 528 13.56 2.70 -11.74
C PHE A 528 13.12 4.16 -11.59
N LEU A 529 13.99 5.02 -11.06
CA LEU A 529 13.59 6.41 -10.77
C LEU A 529 14.75 7.33 -11.05
N PHE A 530 14.46 8.46 -11.70
CA PHE A 530 15.49 9.44 -12.07
C PHE A 530 15.18 10.76 -11.39
N TRP A 531 16.22 11.53 -11.08
CA TRP A 531 16.06 12.81 -10.40
C TRP A 531 16.87 13.87 -11.13
N ASN A 532 16.24 15.02 -11.33
CA ASN A 532 16.88 16.18 -11.89
C ASN A 532 16.76 17.27 -10.84
N LEU A 533 17.83 17.45 -10.06
CA LEU A 533 17.76 18.29 -8.87
C LEU A 533 18.70 19.47 -8.82
N TYR A 534 19.70 19.48 -9.68
CA TYR A 534 20.85 20.37 -9.52
C TYR A 534 20.90 21.42 -10.63
N LYS A 535 21.69 22.48 -10.41
CA LYS A 535 21.81 23.59 -11.35
C LYS A 535 22.50 23.14 -12.63
N ALA A 536 23.63 22.45 -12.48
CA ALA A 536 24.34 21.84 -13.61
C ALA A 536 23.58 20.63 -14.17
N PRO A 537 23.91 20.21 -15.39
CA PRO A 537 23.18 19.11 -16.03
C PRO A 537 23.53 17.72 -15.50
N ILE A 538 22.81 17.35 -14.44
CA ILE A 538 23.00 16.08 -13.75
C ILE A 538 21.70 15.34 -13.71
N LEU A 539 21.77 14.06 -14.04
CA LEU A 539 20.68 13.14 -13.72
C LEU A 539 21.17 12.06 -12.78
N LEU A 540 20.28 11.65 -11.88
CA LEU A 540 20.61 10.72 -10.82
C LEU A 540 19.60 9.60 -10.81
N ALA A 541 20.05 8.36 -10.97
CA ALA A 541 19.15 7.22 -11.04
C ALA A 541 19.34 6.29 -9.84
N LEU A 542 18.24 5.73 -9.35
CA LEU A 542 18.28 4.84 -8.19
C LEU A 542 18.35 3.40 -8.63
N VAL A 543 19.04 2.58 -7.82
CA VAL A 543 19.00 1.14 -7.91
C VAL A 543 18.50 0.63 -6.58
N ALA A 544 17.26 0.13 -6.58
CA ALA A 544 16.55 -0.28 -5.40
C ALA A 544 16.24 -1.78 -5.39
N GLY A 545 15.77 -2.25 -4.25
CA GLY A 545 15.31 -3.60 -4.10
C GLY A 545 16.39 -4.61 -4.30
N GLU A 546 16.00 -5.75 -4.87
CA GLU A 546 16.91 -6.86 -5.18
C GLU A 546 17.99 -6.43 -6.18
N ALA A 547 17.66 -5.46 -7.04
CA ALA A 547 18.64 -4.98 -8.01
C ALA A 547 19.91 -4.40 -7.36
N ALA A 548 19.76 -3.80 -6.17
CA ALA A 548 20.86 -3.07 -5.54
C ALA A 548 22.03 -3.99 -5.22
N GLY A 549 21.74 -5.08 -4.53
CA GLY A 549 22.77 -6.05 -4.21
C GLY A 549 23.46 -6.63 -5.42
N ILE A 550 22.66 -6.96 -6.42
CA ILE A 550 23.14 -7.58 -7.64
C ILE A 550 23.95 -6.61 -8.50
N MET A 551 23.52 -5.36 -8.57
CA MET A 551 24.20 -4.39 -9.42
C MET A 551 25.55 -3.99 -8.87
N GLU A 552 25.81 -4.25 -7.59
CA GLU A 552 27.12 -3.95 -7.02
C GLU A 552 28.25 -4.78 -7.64
N ASN A 553 27.94 -5.99 -8.16
CA ASN A 553 28.93 -6.82 -8.87
C ASN A 553 28.89 -6.65 -10.40
N ILE A 554 28.56 -5.45 -10.87
CA ILE A 554 28.53 -5.13 -12.28
C ILE A 554 29.25 -3.81 -12.44
N SER A 555 29.98 -3.63 -13.54
CA SER A 555 30.87 -2.50 -13.72
C SER A 555 30.08 -1.24 -14.00
N ASP A 556 30.72 -0.10 -13.71
CA ASP A 556 30.13 1.21 -13.94
C ASP A 556 29.73 1.42 -15.42
N ASP A 557 30.64 1.04 -16.33
CA ASP A 557 30.43 1.18 -17.78
C ASP A 557 29.14 0.50 -18.25
N VAL A 558 28.89 -0.70 -17.75
CA VAL A 558 27.66 -1.41 -18.04
C VAL A 558 26.45 -0.69 -17.44
N ILE A 559 26.56 -0.30 -16.16
CA ILE A 559 25.45 0.36 -15.45
C ILE A 559 25.13 1.68 -16.13
N VAL A 560 26.17 2.44 -16.48
CA VAL A 560 25.97 3.68 -17.23
C VAL A 560 25.34 3.36 -18.60
N GLY A 561 25.77 2.29 -19.24
CA GLY A 561 25.17 1.81 -20.48
C GLY A 561 23.67 1.62 -20.38
N ARG A 562 23.25 0.87 -19.37
CA ARG A 562 21.83 0.60 -19.18
C ARG A 562 21.04 1.88 -18.88
N CYS A 563 21.66 2.85 -18.21
CA CYS A 563 21.05 4.16 -18.00
C CYS A 563 20.80 4.90 -19.30
N LEU A 564 21.84 4.93 -20.14
CA LEU A 564 21.77 5.62 -21.40
C LEU A 564 20.75 4.94 -22.34
N ALA A 565 20.75 3.60 -22.36
CA ALA A 565 19.73 2.86 -23.10
C ALA A 565 18.31 3.34 -22.74
N ILE A 566 18.04 3.44 -21.43
CA ILE A 566 16.74 3.91 -20.94
C ILE A 566 16.44 5.35 -21.40
N LEU A 567 17.41 6.23 -21.25
CA LEU A 567 17.21 7.64 -21.56
C LEU A 567 17.10 7.89 -23.06
N LYS A 568 17.81 7.09 -23.86
CA LYS A 568 17.68 7.14 -25.32
C LYS A 568 16.24 6.76 -25.71
N GLY A 569 15.74 5.69 -25.10
CA GLY A 569 14.35 5.28 -25.24
C GLY A 569 13.34 6.39 -24.99
N ILE A 570 13.61 7.25 -24.01
CA ILE A 570 12.65 8.26 -23.59
C ILE A 570 12.75 9.56 -24.37
N PHE A 571 13.97 9.99 -24.68
CA PHE A 571 14.22 11.30 -25.29
C PHE A 571 14.82 11.23 -26.72
N GLY A 572 15.19 10.04 -27.18
CA GLY A 572 15.75 9.84 -28.53
C GLY A 572 17.27 9.74 -28.61
N SER A 573 17.75 8.76 -29.37
CA SER A 573 19.20 8.50 -29.53
C SER A 573 20.11 9.70 -29.82
N SER A 574 19.63 10.63 -30.63
CA SER A 574 20.44 11.81 -30.96
C SER A 574 20.46 12.84 -29.82
N ALA A 575 19.46 12.78 -28.93
CA ALA A 575 19.35 13.75 -27.81
C ALA A 575 20.30 13.47 -26.63
N VAL A 576 20.74 12.21 -26.49
CA VAL A 576 21.51 11.72 -25.34
C VAL A 576 23.02 11.54 -25.62
N PRO A 577 23.83 12.54 -25.24
CA PRO A 577 25.28 12.40 -25.43
C PRO A 577 25.90 11.48 -24.40
N GLN A 578 27.14 11.07 -24.63
CA GLN A 578 27.92 10.37 -23.60
C GLN A 578 28.20 11.39 -22.50
N PRO A 579 28.03 10.98 -21.23
CA PRO A 579 28.23 11.90 -20.12
C PRO A 579 29.72 12.20 -19.89
N LYS A 580 29.99 13.41 -19.42
CA LYS A 580 31.37 13.84 -19.12
C LYS A 580 31.97 13.12 -17.90
N GLU A 581 31.18 13.01 -16.83
CA GLU A 581 31.57 12.30 -15.61
C GLU A 581 30.45 11.37 -15.16
N THR A 582 30.83 10.19 -14.65
CA THR A 582 29.89 9.27 -14.02
C THR A 582 30.37 8.81 -12.65
N VAL A 583 29.44 8.41 -11.79
CA VAL A 583 29.74 7.81 -10.49
C VAL A 583 28.65 6.84 -10.11
N VAL A 584 29.04 5.71 -9.52
CA VAL A 584 28.11 4.70 -9.04
C VAL A 584 28.43 4.30 -7.58
N SER A 585 27.46 4.45 -6.69
CA SER A 585 27.64 4.07 -5.29
C SER A 585 27.55 2.57 -5.15
N ARG A 586 28.32 2.02 -4.20
CA ARG A 586 28.25 0.60 -3.85
C ARG A 586 28.28 0.49 -2.30
N TRP A 587 27.13 0.78 -1.70
CA TRP A 587 27.01 0.96 -0.25
C TRP A 587 27.13 -0.34 0.55
N ARG A 588 26.62 -1.44 0.04
CA ARG A 588 26.77 -2.71 0.73
C ARG A 588 28.22 -3.11 0.82
N ALA A 589 29.01 -2.82 -0.22
CA ALA A 589 30.44 -3.17 -0.24
C ALA A 589 31.35 -2.25 0.58
N ASP A 590 30.87 -1.03 0.84
CA ASP A 590 31.60 -0.06 1.65
C ASP A 590 31.77 -0.63 3.06
N PRO A 591 33.03 -0.90 3.47
CA PRO A 591 33.26 -1.54 4.80
C PRO A 591 32.90 -0.71 6.02
N TRP A 592 32.77 0.60 5.84
CA TRP A 592 32.36 1.51 6.90
C TRP A 592 30.86 1.79 6.93
N ALA A 593 30.10 1.20 6.02
CA ALA A 593 28.64 1.29 6.04
C ALA A 593 28.00 -0.08 6.06
N ARG A 594 28.35 -0.89 5.09
CA ARG A 594 27.82 -2.25 4.91
C ARG A 594 26.32 -2.25 4.61
N GLY A 595 25.90 -1.20 3.89
CA GLY A 595 24.50 -1.00 3.52
C GLY A 595 24.14 0.47 3.57
N SER A 596 22.86 0.80 3.40
CA SER A 596 22.44 2.18 3.23
C SER A 596 21.75 2.68 4.49
N TYR A 597 20.69 2.00 4.91
CA TYR A 597 20.00 2.36 6.15
C TYR A 597 19.09 1.28 6.65
N SER A 598 18.61 1.44 7.89
CA SER A 598 17.86 0.41 8.54
C SER A 598 16.42 0.38 8.03
N TYR A 599 15.77 -0.74 8.26
CA TYR A 599 14.37 -0.94 8.02
C TYR A 599 13.85 -1.92 9.09
N VAL A 600 12.53 -2.00 9.26
CA VAL A 600 11.96 -2.84 10.29
C VAL A 600 11.71 -4.18 9.64
N ALA A 601 12.57 -5.14 9.96
CA ALA A 601 12.55 -6.44 9.29
C ALA A 601 11.43 -7.25 9.86
N ALA A 602 11.02 -8.26 9.08
CA ALA A 602 10.03 -9.21 9.59
C ALA A 602 10.64 -9.90 10.77
N GLY A 603 9.93 -9.91 11.88
CA GLY A 603 10.45 -10.43 13.13
C GLY A 603 10.94 -9.34 14.06
N SER A 604 11.01 -8.10 13.58
CA SER A 604 11.49 -6.98 14.41
C SER A 604 10.35 -6.03 14.68
N SER A 605 10.65 -4.90 15.31
CA SER A 605 9.66 -3.86 15.59
C SER A 605 10.34 -2.58 15.99
N GLY A 606 9.55 -1.57 16.26
CA GLY A 606 10.06 -0.30 16.74
C GLY A 606 10.76 -0.44 18.06
N ASN A 607 10.35 -1.44 18.86
CA ASN A 607 11.01 -1.70 20.14
C ASN A 607 12.49 -2.06 20.00
N ASP A 608 12.90 -2.63 18.86
CA ASP A 608 14.31 -2.95 18.68
C ASP A 608 15.17 -1.71 18.54
N TYR A 609 14.62 -0.67 17.94
CA TYR A 609 15.31 0.63 17.91
C TYR A 609 15.58 1.18 19.34
N ASP A 610 14.65 0.95 20.26
CA ASP A 610 14.85 1.37 21.63
C ASP A 610 15.90 0.52 22.34
N LEU A 611 15.90 -0.76 22.06
CA LEU A 611 16.95 -1.60 22.57
C LEU A 611 18.31 -1.17 21.99
N MET A 612 18.38 -0.80 20.69
CA MET A 612 19.65 -0.35 20.15
C MET A 612 20.14 0.87 20.88
N ALA A 613 19.21 1.73 21.31
CA ALA A 613 19.55 2.96 22.01
C ALA A 613 19.98 2.80 23.46
N GLN A 614 19.74 1.64 24.09
CA GLN A 614 20.01 1.50 25.54
C GLN A 614 21.51 1.40 25.79
N PRO A 615 22.02 2.17 26.76
CA PRO A 615 23.44 2.09 27.07
C PRO A 615 23.80 0.80 27.79
N ILE A 616 25.08 0.41 27.74
CA ILE A 616 25.57 -0.79 28.45
C ILE A 616 26.27 -0.38 29.74
N THR A 617 26.01 -1.15 30.77
CA THR A 617 26.60 -0.93 32.08
C THR A 617 27.44 -2.15 32.37
N PRO A 618 28.76 -1.97 32.61
CA PRO A 618 29.61 -3.10 32.95
C PRO A 618 29.33 -3.69 34.33
N GLY A 619 29.75 -4.94 34.53
CA GLY A 619 29.78 -5.51 35.89
C GLY A 619 30.80 -4.80 36.79
N PRO A 620 30.70 -4.98 38.11
CA PRO A 620 31.73 -4.41 39.02
C PRO A 620 33.11 -5.07 38.83
N SER A 621 34.18 -4.31 39.03
CA SER A 621 35.56 -4.84 38.94
C SER A 621 35.79 -5.88 40.04
N ILE A 622 35.66 -5.43 41.29
CA ILE A 622 35.77 -6.29 42.49
C ILE A 622 34.35 -6.71 42.91
N PRO A 623 34.12 -8.00 43.27
CA PRO A 623 32.75 -8.38 43.69
C PRO A 623 32.26 -7.71 44.99
N GLY A 624 30.95 -7.51 45.07
CA GLY A 624 30.35 -6.70 46.14
C GLY A 624 30.63 -5.20 46.05
N ALA A 625 31.15 -4.71 44.93
CA ALA A 625 31.31 -3.26 44.75
C ALA A 625 29.97 -2.73 44.29
N PRO A 626 29.67 -1.46 44.63
CA PRO A 626 28.39 -0.92 44.22
C PRO A 626 28.24 -0.87 42.71
N GLN A 627 27.00 -1.08 42.25
CA GLN A 627 26.54 -0.90 40.87
C GLN A 627 27.26 0.22 40.04
N PRO A 628 28.01 -0.18 38.99
CA PRO A 628 28.62 0.84 38.14
C PRO A 628 27.62 1.67 37.32
N ILE A 629 28.08 2.85 36.94
CA ILE A 629 27.39 3.67 35.96
C ILE A 629 27.53 3.11 34.51
N PRO A 630 26.66 3.55 33.58
CA PRO A 630 26.80 3.12 32.20
C PRO A 630 28.05 3.66 31.53
N ARG A 631 28.67 2.86 30.69
CA ARG A 631 29.90 3.25 30.03
C ARG A 631 29.82 3.36 28.52
N LEU A 632 28.96 2.54 27.89
CA LEU A 632 28.92 2.40 26.45
C LEU A 632 27.55 2.80 25.95
N PHE A 633 27.51 3.85 25.15
CA PHE A 633 26.30 4.50 24.70
C PHE A 633 26.19 4.32 23.18
N PHE A 634 24.99 4.48 22.63
CA PHE A 634 24.73 4.24 21.21
C PHE A 634 23.92 5.32 20.55
N ALA A 635 24.35 5.70 19.37
CA ALA A 635 23.57 6.68 18.61
C ALA A 635 23.61 6.29 17.17
N GLY A 636 22.80 6.97 16.36
CA GLY A 636 22.69 6.65 14.95
C GLY A 636 21.29 6.40 14.53
N GLU A 637 21.11 6.51 13.23
CA GLU A 637 19.88 6.25 12.49
C GLU A 637 19.09 5.00 12.99
N HIS A 638 19.79 3.89 13.23
CA HIS A 638 19.26 2.64 13.82
C HIS A 638 18.87 2.66 15.29
N THR A 639 19.08 3.79 15.95
CA THR A 639 18.80 3.93 17.39
C THR A 639 17.57 4.78 17.69
N ILE A 640 16.93 5.33 16.66
CA ILE A 640 15.82 6.25 16.88
C ILE A 640 14.50 5.78 16.22
N ARG A 641 13.65 5.23 17.07
CA ARG A 641 12.38 4.60 16.69
C ARG A 641 11.48 5.45 15.80
N ASN A 642 11.35 6.73 16.12
CA ASN A 642 10.45 7.64 15.42
C ASN A 642 11.01 8.32 14.17
N TYR A 643 12.32 8.27 13.95
CA TYR A 643 12.93 8.93 12.79
C TYR A 643 14.05 8.08 12.22
N PRO A 644 13.81 6.77 12.12
CA PRO A 644 14.86 5.91 11.55
C PRO A 644 15.21 6.26 10.12
N ALA A 645 16.37 5.78 9.71
CA ALA A 645 16.82 5.86 8.34
C ALA A 645 16.88 7.26 7.74
N THR A 646 17.18 8.27 8.53
CA THR A 646 17.20 9.67 8.03
C THR A 646 18.36 10.44 8.60
N VAL A 647 18.67 11.58 7.99
CA VAL A 647 19.68 12.51 8.54
C VAL A 647 19.18 13.13 9.85
N HIS A 648 17.96 13.64 9.85
CA HIS A 648 17.41 14.17 11.10
C HIS A 648 17.30 13.16 12.23
N GLY A 649 17.08 11.89 11.93
CA GLY A 649 17.06 10.88 12.99
C GLY A 649 18.45 10.73 13.58
N ALA A 650 19.46 10.69 12.72
CA ALA A 650 20.81 10.62 13.16
C ALA A 650 21.12 11.83 14.08
N LEU A 651 20.88 13.04 13.57
CA LEU A 651 21.09 14.29 14.31
C LEU A 651 20.43 14.19 15.67
N LEU A 652 19.13 13.91 15.67
CA LEU A 652 18.40 13.81 16.92
C LEU A 652 18.97 12.77 17.87
N SER A 653 19.45 11.65 17.34
CA SER A 653 19.94 10.55 18.19
C SER A 653 21.22 10.96 18.89
N GLY A 654 22.04 11.74 18.21
CA GLY A 654 23.24 12.34 18.83
C GLY A 654 22.91 13.29 19.97
N LEU A 655 21.95 14.18 19.75
CA LEU A 655 21.51 15.12 20.76
C LEU A 655 20.99 14.39 21.99
N ARG A 656 20.25 13.32 21.79
CA ARG A 656 19.74 12.50 22.88
C ARG A 656 20.86 11.90 23.76
N GLU A 657 21.90 11.38 23.13
CA GLU A 657 23.00 10.75 23.83
C GLU A 657 23.90 11.72 24.53
N ALA A 658 24.20 12.87 23.91
CA ALA A 658 24.95 13.92 24.59
C ALA A 658 24.27 14.30 25.88
N GLY A 659 22.97 14.46 25.86
CA GLY A 659 22.22 14.69 27.08
C GLY A 659 22.25 13.57 28.10
N ARG A 660 22.23 12.32 27.68
CA ARG A 660 22.15 11.18 28.62
C ARG A 660 23.52 11.03 29.27
N ILE A 661 24.54 11.25 28.47
CA ILE A 661 25.93 11.22 28.88
C ILE A 661 26.26 12.39 29.82
N ALA A 662 25.86 13.59 29.47
CA ALA A 662 26.06 14.72 30.34
C ALA A 662 25.31 14.54 31.66
N ASP A 663 24.11 14.01 31.64
CA ASP A 663 23.36 13.73 32.86
C ASP A 663 24.12 12.78 33.78
N GLN A 664 24.86 11.84 33.20
CA GLN A 664 25.53 10.80 33.96
C GLN A 664 26.85 11.27 34.53
N PHE A 665 27.58 12.10 33.79
CA PHE A 665 28.94 12.46 34.10
C PHE A 665 29.16 13.91 34.55
N LEU A 666 28.23 14.81 34.21
CA LEU A 666 28.20 16.15 34.77
C LEU A 666 27.09 16.32 35.78
N GLY A 667 26.23 15.30 35.94
CA GLY A 667 25.06 15.39 36.80
C GLY A 667 23.89 16.17 36.18
N ALA A 668 22.68 15.73 36.47
CA ALA A 668 21.46 16.44 36.08
C ALA A 668 21.35 17.76 36.85
N LYS B 9 -13.62 -3.22 8.27
CA LYS B 9 -13.42 -2.10 7.31
C LYS B 9 -12.45 -2.38 6.11
N PRO B 10 -12.69 -3.47 5.30
CA PRO B 10 -11.81 -3.67 4.11
C PRO B 10 -11.99 -2.55 3.09
N PRO B 11 -11.01 -2.31 2.21
CA PRO B 11 -11.21 -1.30 1.16
C PRO B 11 -12.27 -1.82 0.19
N LYS B 12 -13.14 -0.92 -0.30
CA LYS B 12 -14.33 -1.33 -1.07
C LYS B 12 -13.89 -1.92 -2.40
N GLY B 13 -14.21 -3.18 -2.66
CA GLY B 13 -13.80 -3.87 -3.90
C GLY B 13 -12.59 -4.80 -3.81
N MET B 14 -11.76 -4.64 -2.77
CA MET B 14 -10.88 -5.71 -2.32
C MET B 14 -11.80 -6.72 -1.63
N PHE B 15 -11.41 -8.00 -1.62
CA PHE B 15 -12.24 -9.08 -1.03
C PHE B 15 -11.37 -9.99 -0.19
N LEU B 16 -11.68 -10.07 1.11
CA LEU B 16 -10.75 -10.57 2.13
C LEU B 16 -11.51 -11.08 3.36
N SER B 17 -11.96 -12.32 3.26
CA SER B 17 -12.60 -13.00 4.38
C SER B 17 -11.56 -13.86 5.06
N GLN B 18 -11.73 -14.07 6.37
CA GLN B 18 -10.89 -14.99 7.12
C GLN B 18 -10.75 -16.29 6.36
N GLU B 19 -11.90 -16.79 5.89
CA GLU B 19 -12.03 -18.04 5.12
C GLU B 19 -11.15 -18.11 3.87
N ASP B 20 -11.27 -17.12 2.97
CA ASP B 20 -10.48 -17.11 1.71
C ASP B 20 -8.98 -16.98 1.94
N VAL B 21 -8.61 -16.22 2.97
CA VAL B 21 -7.22 -16.03 3.38
C VAL B 21 -6.59 -17.36 3.82
N GLU B 22 -7.26 -18.03 4.77
CA GLU B 22 -6.86 -19.36 5.23
C GLU B 22 -6.65 -20.37 4.09
N ALA B 23 -7.49 -20.28 3.06
CA ALA B 23 -7.43 -21.19 1.91
C ALA B 23 -6.16 -21.04 1.07
N VAL B 24 -5.67 -19.82 0.94
CA VAL B 24 -4.40 -19.54 0.24
C VAL B 24 -3.18 -19.64 1.17
N SER B 25 -3.40 -19.48 2.48
CA SER B 25 -2.37 -19.65 3.49
C SER B 25 -1.90 -21.12 3.67
N ALA B 26 -2.82 -22.00 4.06
CA ALA B 26 -2.49 -23.31 4.67
C ALA B 26 -1.61 -24.31 3.88
N ASN B 27 -1.23 -23.98 2.64
CA ASN B 27 -0.33 -24.82 1.84
C ASN B 27 0.58 -23.95 0.96
N ALA B 28 1.76 -24.48 0.59
CA ALA B 28 2.76 -23.77 -0.22
C ALA B 28 2.31 -23.38 -1.62
N THR B 29 1.41 -24.19 -2.20
CA THR B 29 0.81 -23.90 -3.52
C THR B 29 -0.72 -24.13 -3.55
N ALA B 30 -1.40 -23.93 -2.41
CA ALA B 30 -2.87 -23.82 -2.40
C ALA B 30 -3.34 -22.59 -3.16
N ALA B 31 -2.49 -21.57 -3.25
CA ALA B 31 -2.69 -20.43 -4.12
C ALA B 31 -2.97 -20.89 -5.54
N THR B 32 -1.98 -21.54 -6.17
CA THR B 32 -2.08 -21.95 -7.57
C THR B 32 -3.09 -23.11 -7.78
N THR B 33 -3.37 -23.88 -6.72
CA THR B 33 -4.38 -24.94 -6.78
C THR B 33 -5.78 -24.34 -6.89
N VAL B 34 -6.19 -23.57 -5.89
CA VAL B 34 -7.46 -22.82 -5.93
C VAL B 34 -7.72 -22.21 -7.31
N LEU B 35 -6.73 -21.50 -7.85
CA LEU B 35 -6.88 -20.80 -9.12
C LEU B 35 -6.96 -21.70 -10.36
N ARG B 36 -6.39 -22.91 -10.30
CA ARG B 36 -6.55 -23.87 -11.40
C ARG B 36 -7.93 -24.57 -11.32
N GLN B 37 -8.37 -24.98 -10.11
CA GLN B 37 -9.72 -25.54 -9.90
C GLN B 37 -10.80 -24.67 -10.52
N LEU B 38 -10.67 -23.37 -10.30
CA LEU B 38 -11.60 -22.39 -10.82
C LEU B 38 -11.40 -22.16 -12.31
N ASP B 39 -10.17 -22.22 -12.79
CA ASP B 39 -9.92 -22.14 -14.23
C ASP B 39 -10.58 -23.29 -14.97
N MET B 40 -10.53 -24.49 -14.38
CA MET B 40 -11.14 -25.69 -14.97
C MET B 40 -12.67 -25.63 -14.85
N GLU B 41 -13.19 -25.26 -13.68
CA GLU B 41 -14.62 -25.01 -13.50
C GLU B 41 -15.16 -24.06 -14.56
N LEU B 42 -14.37 -23.07 -14.92
CA LEU B 42 -14.77 -22.07 -15.90
C LEU B 42 -14.76 -22.65 -17.32
N VAL B 43 -13.74 -23.44 -17.64
CA VAL B 43 -13.63 -24.08 -18.94
C VAL B 43 -14.79 -25.06 -19.17
N SER B 44 -15.15 -25.78 -18.12
CA SER B 44 -16.20 -26.79 -18.18
C SER B 44 -17.61 -26.15 -18.30
N VAL B 45 -17.83 -25.03 -17.62
CA VAL B 45 -19.09 -24.29 -17.74
C VAL B 45 -19.19 -23.64 -19.13
N LYS B 46 -18.07 -23.26 -19.71
CA LYS B 46 -18.13 -22.69 -21.06
C LYS B 46 -18.54 -23.74 -22.11
N ARG B 47 -18.04 -24.98 -21.99
CA ARG B 47 -18.43 -26.05 -22.92
C ARG B 47 -19.87 -26.55 -22.68
N GLN B 48 -20.31 -26.51 -21.43
CA GLN B 48 -21.73 -26.68 -21.07
C GLN B 48 -22.60 -25.68 -21.88
N ILE B 49 -22.18 -24.42 -21.93
CA ILE B 49 -22.89 -23.39 -22.68
C ILE B 49 -22.93 -23.70 -24.16
N GLN B 50 -21.81 -24.13 -24.74
CA GLN B 50 -21.78 -24.47 -26.16
C GLN B 50 -22.73 -25.62 -26.52
N ASN B 51 -22.73 -26.67 -25.69
N ASN B 51 -22.76 -26.64 -25.68
CA ASN B 51 -23.64 -27.81 -25.79
CA ASN B 51 -23.60 -27.80 -25.93
C ASN B 51 -25.07 -27.31 -25.88
C ASN B 51 -25.11 -27.52 -25.70
N ILE B 52 -25.45 -26.50 -24.90
CA ILE B 52 -26.85 -26.10 -24.72
C ILE B 52 -27.32 -25.06 -25.75
N LYS B 53 -26.43 -24.20 -26.20
CA LYS B 53 -26.81 -23.22 -27.24
C LYS B 53 -26.96 -23.90 -28.60
N GLN B 54 -26.15 -24.95 -28.85
CA GLN B 54 -26.20 -25.71 -30.11
C GLN B 54 -27.42 -26.66 -30.14
N THR B 55 -27.79 -27.16 -28.97
CA THR B 55 -29.06 -27.86 -28.75
C THR B 55 -30.26 -26.93 -29.02
N ASN B 56 -30.19 -25.70 -28.53
CA ASN B 56 -31.26 -24.74 -28.72
C ASN B 56 -31.35 -24.14 -30.13
N SER B 57 -30.23 -24.10 -30.83
CA SER B 57 -30.20 -23.67 -32.24
C SER B 57 -30.99 -24.68 -33.09
N ALA B 58 -30.80 -25.96 -32.80
CA ALA B 58 -31.47 -27.04 -33.50
C ALA B 58 -32.97 -27.13 -33.18
N LEU B 59 -33.37 -26.78 -31.95
CA LEU B 59 -34.79 -26.69 -31.58
C LEU B 59 -35.48 -25.48 -32.22
N LYS B 60 -34.79 -24.35 -32.31
CA LYS B 60 -35.37 -23.16 -32.96
C LYS B 60 -35.53 -23.37 -34.48
N GLU B 61 -34.74 -24.29 -35.06
CA GLU B 61 -34.88 -24.72 -36.46
C GLU B 61 -36.15 -25.56 -36.68
N LYS B 62 -36.41 -26.52 -35.78
CA LYS B 62 -37.63 -27.35 -35.84
C LYS B 62 -38.93 -26.55 -35.55
N LEU B 63 -38.82 -25.35 -35.00
CA LEU B 63 -39.93 -24.39 -34.91
C LEU B 63 -39.97 -23.37 -36.07
N ASP B 64 -39.32 -23.66 -37.19
CA ASP B 64 -39.23 -22.68 -38.29
C ASP B 64 -40.59 -22.49 -38.98
N GLY B 65 -41.09 -21.26 -38.94
CA GLY B 65 -42.36 -20.89 -39.58
C GLY B 65 -43.47 -20.57 -38.59
N GLY B 66 -43.22 -20.78 -37.30
CA GLY B 66 -44.23 -20.60 -36.27
C GLY B 66 -45.39 -21.58 -36.42
N ILE B 67 -46.53 -21.21 -35.84
CA ILE B 67 -47.79 -21.92 -36.04
C ILE B 67 -48.70 -21.18 -37.05
N GLU B 68 -48.11 -20.44 -37.99
CA GLU B 68 -48.90 -19.54 -38.86
C GLU B 68 -49.53 -20.22 -40.09
N PRO B 69 -49.05 -21.41 -40.50
CA PRO B 69 -49.87 -22.20 -41.44
C PRO B 69 -51.10 -22.86 -40.81
N TYR B 70 -51.13 -22.97 -39.49
CA TYR B 70 -52.14 -23.71 -38.74
C TYR B 70 -53.06 -22.81 -37.93
N ARG B 71 -53.03 -21.50 -38.18
CA ARG B 71 -53.80 -20.54 -37.39
C ARG B 71 -55.12 -20.32 -38.12
N LEU B 72 -56.19 -20.16 -37.33
CA LEU B 72 -57.54 -20.03 -37.87
C LEU B 72 -58.07 -18.61 -37.72
N PRO B 73 -58.68 -18.05 -38.80
CA PRO B 73 -59.37 -16.76 -38.73
C PRO B 73 -60.28 -16.58 -37.50
N GLU B 74 -60.39 -15.34 -37.05
CA GLU B 74 -61.25 -14.98 -35.94
C GLU B 74 -62.68 -14.88 -36.48
N VAL B 75 -63.61 -15.63 -35.88
CA VAL B 75 -65.04 -15.53 -36.23
C VAL B 75 -65.77 -14.74 -35.14
N ILE B 76 -65.98 -13.44 -35.39
CA ILE B 76 -66.65 -12.56 -34.43
C ILE B 76 -68.16 -12.59 -34.64
N GLN B 77 -68.84 -13.51 -33.95
CA GLN B 77 -70.28 -13.77 -34.15
C GLN B 77 -71.14 -12.98 -33.15
N LYS B 78 -72.18 -12.32 -33.66
CA LYS B 78 -73.08 -11.51 -32.82
C LYS B 78 -73.92 -12.42 -31.92
N CYS B 79 -73.73 -12.29 -30.61
CA CYS B 79 -74.40 -13.12 -29.60
C CYS B 79 -75.94 -12.99 -29.64
N ASN B 80 -76.64 -14.10 -29.37
CA ASN B 80 -78.11 -14.21 -29.55
C ASN B 80 -78.79 -14.90 -28.35
N ALA B 81 -80.00 -14.46 -28.03
CA ALA B 81 -80.74 -14.94 -26.85
C ALA B 81 -81.60 -16.17 -27.11
N ARG B 82 -82.13 -16.30 -28.33
CA ARG B 82 -82.98 -17.44 -28.71
C ARG B 82 -82.14 -18.70 -28.93
N TRP B 83 -82.51 -19.77 -28.22
CA TRP B 83 -81.87 -21.10 -28.35
C TRP B 83 -82.50 -21.93 -29.48
N THR B 84 -81.77 -22.14 -30.57
CA THR B 84 -82.18 -23.12 -31.60
C THR B 84 -81.98 -24.54 -31.07
N THR B 85 -82.71 -25.49 -31.66
CA THR B 85 -82.47 -26.92 -31.44
C THR B 85 -80.99 -27.28 -31.73
N GLU B 86 -80.46 -26.75 -32.83
CA GLU B 86 -79.07 -26.98 -33.24
C GLU B 86 -78.13 -26.59 -32.12
N GLU B 87 -78.33 -25.37 -31.61
CA GLU B 87 -77.52 -24.83 -30.51
C GLU B 87 -77.71 -25.64 -29.23
N GLN B 88 -78.93 -26.04 -28.92
CA GLN B 88 -79.15 -26.92 -27.76
C GLN B 88 -78.36 -28.21 -27.89
N LEU B 89 -78.40 -28.80 -29.09
CA LEU B 89 -77.71 -30.07 -29.35
C LEU B 89 -76.21 -29.92 -29.37
N LEU B 90 -75.69 -28.80 -29.88
CA LEU B 90 -74.27 -28.53 -29.71
C LEU B 90 -73.88 -28.51 -28.22
N ALA B 91 -74.71 -27.90 -27.38
CA ALA B 91 -74.41 -27.75 -25.97
C ALA B 91 -74.31 -29.09 -25.25
N VAL B 92 -75.33 -29.92 -25.39
CA VAL B 92 -75.33 -31.23 -24.72
C VAL B 92 -74.07 -32.04 -25.07
N GLN B 93 -73.60 -31.91 -26.30
CA GLN B 93 -72.33 -32.51 -26.69
C GLN B 93 -71.14 -31.81 -26.05
N ALA B 94 -71.15 -30.48 -26.05
CA ALA B 94 -70.09 -29.69 -25.41
C ALA B 94 -69.98 -30.01 -23.91
N ILE B 95 -71.11 -30.25 -23.26
CA ILE B 95 -71.13 -30.68 -21.86
C ILE B 95 -70.54 -32.08 -21.71
N ARG B 96 -70.78 -32.95 -22.68
CA ARG B 96 -70.26 -34.32 -22.66
C ARG B 96 -68.74 -34.36 -22.82
N LYS B 97 -68.18 -33.39 -23.54
CA LYS B 97 -66.75 -33.37 -23.86
C LYS B 97 -65.99 -32.61 -22.79
N TYR B 98 -66.42 -31.38 -22.56
CA TYR B 98 -65.83 -30.47 -21.60
C TYR B 98 -66.62 -30.57 -20.31
N GLY B 99 -66.05 -30.11 -19.21
CA GLY B 99 -66.71 -30.30 -17.92
C GLY B 99 -67.80 -29.27 -17.68
N ARG B 100 -67.52 -28.39 -16.72
CA ARG B 100 -68.27 -27.18 -16.51
C ARG B 100 -67.44 -26.00 -17.03
N ASP B 101 -66.50 -26.26 -17.94
CA ASP B 101 -65.68 -25.22 -18.54
C ASP B 101 -66.61 -24.42 -19.44
N PHE B 102 -67.38 -23.53 -18.80
CA PHE B 102 -68.46 -22.79 -19.46
C PHE B 102 -67.93 -21.95 -20.61
N GLN B 103 -66.68 -21.51 -20.49
CA GLN B 103 -66.02 -20.74 -21.54
C GLN B 103 -65.91 -21.54 -22.83
N ALA B 104 -65.39 -22.77 -22.69
CA ALA B 104 -65.17 -23.68 -23.82
C ALA B 104 -66.48 -23.94 -24.53
N ILE B 105 -67.48 -24.38 -23.75
CA ILE B 105 -68.80 -24.64 -24.26
C ILE B 105 -69.29 -23.48 -25.13
N SER B 106 -69.25 -22.27 -24.58
CA SER B 106 -69.65 -21.06 -25.30
C SER B 106 -68.89 -20.87 -26.61
N ASP B 107 -67.57 -21.06 -26.59
CA ASP B 107 -66.74 -20.88 -27.79
C ASP B 107 -67.17 -21.83 -28.90
N VAL B 108 -67.52 -23.07 -28.53
CA VAL B 108 -68.02 -24.10 -29.44
C VAL B 108 -69.36 -23.68 -30.08
N ILE B 109 -70.29 -23.27 -29.22
CA ILE B 109 -71.63 -22.95 -29.68
C ILE B 109 -71.63 -21.72 -30.60
N GLY B 110 -70.77 -20.74 -30.30
CA GLY B 110 -70.49 -19.61 -31.22
C GLY B 110 -71.24 -18.31 -30.98
N ASN B 111 -72.38 -18.38 -30.31
CA ASN B 111 -73.22 -17.21 -30.05
C ASN B 111 -74.03 -17.36 -28.76
N LYS B 112 -73.36 -17.81 -27.71
CA LYS B 112 -73.92 -17.76 -26.37
C LYS B 112 -72.82 -17.29 -25.41
N SER B 113 -73.16 -16.34 -24.54
CA SER B 113 -72.27 -15.85 -23.49
C SER B 113 -72.09 -16.92 -22.41
N VAL B 114 -71.16 -16.68 -21.52
CA VAL B 114 -70.83 -17.62 -20.44
C VAL B 114 -71.99 -17.72 -19.43
N VAL B 115 -72.76 -16.64 -19.29
CA VAL B 115 -73.94 -16.61 -18.43
C VAL B 115 -75.04 -17.50 -19.01
N GLN B 116 -75.38 -17.22 -20.28
CA GLN B 116 -76.39 -18.01 -21.02
C GLN B 116 -76.17 -19.51 -20.94
N VAL B 117 -74.90 -19.91 -21.03
CA VAL B 117 -74.51 -21.30 -20.83
C VAL B 117 -74.79 -21.71 -19.38
N LYS B 118 -74.36 -20.89 -18.42
CA LYS B 118 -74.62 -21.14 -17.00
C LYS B 118 -76.12 -21.34 -16.73
N ASN B 119 -76.94 -20.48 -17.32
CA ASN B 119 -78.41 -20.60 -17.20
C ASN B 119 -78.94 -21.90 -17.81
N PHE B 120 -78.51 -22.15 -19.05
CA PHE B 120 -78.83 -23.39 -19.78
C PHE B 120 -78.77 -24.66 -18.92
N PHE B 121 -77.72 -24.78 -18.12
CA PHE B 121 -77.57 -25.91 -17.19
C PHE B 121 -78.76 -26.11 -16.26
N VAL B 122 -79.37 -25.01 -15.83
CA VAL B 122 -80.50 -25.09 -14.89
C VAL B 122 -81.82 -25.22 -15.66
N ASN B 123 -81.98 -24.43 -16.72
CA ASN B 123 -83.21 -24.44 -17.54
C ASN B 123 -83.54 -25.79 -18.18
N TYR B 124 -82.50 -26.49 -18.63
CA TYR B 124 -82.66 -27.79 -19.29
C TYR B 124 -82.01 -28.93 -18.52
N ARG B 125 -81.93 -28.79 -17.20
CA ARG B 125 -81.46 -29.87 -16.33
C ARG B 125 -82.27 -31.14 -16.57
N ARG B 126 -83.58 -31.03 -16.39
CA ARG B 126 -84.48 -32.19 -16.45
C ARG B 126 -84.60 -32.79 -17.86
N ARG B 127 -84.68 -31.92 -18.87
CA ARG B 127 -85.01 -32.33 -20.24
C ARG B 127 -83.81 -32.97 -20.97
N PHE B 128 -82.61 -32.42 -20.76
CA PHE B 128 -81.39 -32.99 -21.34
C PHE B 128 -80.53 -33.84 -20.39
N ASN B 129 -81.17 -34.49 -19.41
CA ASN B 129 -80.50 -35.34 -18.41
C ASN B 129 -79.06 -34.91 -18.08
N ILE B 130 -78.89 -33.64 -17.75
CA ILE B 130 -77.56 -33.07 -17.63
C ILE B 130 -76.74 -33.71 -16.50
N ASP B 131 -77.41 -34.22 -15.46
CA ASP B 131 -76.73 -34.96 -14.40
C ASP B 131 -76.15 -36.29 -14.91
N GLU B 132 -76.87 -36.98 -15.80
CA GLU B 132 -76.33 -38.17 -16.48
C GLU B 132 -75.13 -37.80 -17.38
N VAL B 133 -75.17 -36.62 -18.00
CA VAL B 133 -74.13 -36.21 -18.95
C VAL B 133 -72.83 -35.86 -18.22
N LEU B 134 -72.91 -35.21 -17.07
CA LEU B 134 -71.71 -34.91 -16.27
C LEU B 134 -71.14 -36.15 -15.56
N GLN B 135 -72.02 -37.06 -15.11
CA GLN B 135 -71.59 -38.40 -14.64
C GLN B 135 -70.86 -39.19 -15.73
N GLU B 136 -71.35 -39.06 -16.96
CA GLU B 136 -70.76 -39.70 -18.14
C GLU B 136 -69.39 -39.06 -18.50
N TRP B 137 -69.26 -37.75 -18.32
CA TRP B 137 -67.99 -37.02 -18.52
C TRP B 137 -66.86 -37.39 -17.53
N GLU B 138 -67.24 -37.71 -16.29
CA GLU B 138 -66.28 -38.04 -15.23
C GLU B 138 -65.67 -39.45 -15.36
N ALA B 139 -66.46 -40.44 -15.78
CA ALA B 139 -66.00 -41.85 -15.84
C ALA B 139 -64.99 -42.16 -16.95
N SER C 1 12.25 4.16 5.39
CA SER C 1 10.82 3.86 5.60
C SER C 1 9.96 4.71 4.64
N ARG C 2 8.65 4.62 4.81
CA ARG C 2 7.71 5.35 3.95
C ARG C 2 7.99 6.83 3.87
N THR C 3 8.44 7.40 4.99
CA THR C 3 8.74 8.82 5.12
C THR C 3 9.77 9.31 4.11
N MET C 4 10.56 8.37 3.56
CA MET C 4 11.60 8.68 2.57
C MET C 4 11.07 8.96 1.15
N GLN C 5 9.80 8.65 0.92
CA GLN C 5 9.20 8.76 -0.40
C GLN C 5 8.91 10.22 -0.78
N THR C 6 9.51 10.64 -1.87
CA THR C 6 9.31 11.96 -2.42
C THR C 6 8.39 11.83 -3.63
N ALA C 7 8.71 10.90 -4.53
CA ALA C 7 7.89 10.64 -5.72
C ALA C 7 6.79 9.62 -5.48
N ARG C 8 5.59 9.89 -6.00
CA ARG C 8 4.41 9.04 -5.85
C ARG C 8 4.22 8.47 -4.43
N LYS C 9 4.17 9.34 -3.43
CA LYS C 9 4.09 8.88 -2.06
C LYS C 9 2.94 7.91 -2.02
N SER C 10 3.23 6.69 -1.59
CA SER C 10 2.21 5.73 -1.23
C SER C 10 1.33 6.30 -0.13
N THR C 11 0.03 6.03 -0.18
CA THR C 11 -0.93 6.40 0.87
C THR C 11 -1.59 5.22 1.56
N GLY C 12 -1.61 4.07 0.89
CA GLY C 12 -2.38 2.95 1.36
C GLY C 12 -1.90 2.43 2.68
N GLY C 13 -2.77 2.44 3.68
CA GLY C 13 -2.41 1.95 5.01
C GLY C 13 -1.97 3.05 5.97
N LYS C 14 -1.78 4.27 5.47
CA LYS C 14 -1.44 5.44 6.29
C LYS C 14 -2.70 6.17 6.74
N ALA C 15 -2.82 6.45 8.04
CA ALA C 15 -3.97 7.22 8.58
C ALA C 15 -4.02 8.67 8.09
C1 GOL D . 5.55 -8.55 -3.58
O1 GOL D . 6.78 -7.83 -3.52
C2 GOL D . 5.06 -8.54 -5.03
O2 GOL D . 6.09 -9.15 -5.83
C3 GOL D . 3.69 -9.23 -5.16
O3 GOL D . 3.71 -10.52 -5.77
C1 GOL E . -2.55 -3.54 -22.43
O1 GOL E . -1.97 -4.75 -21.89
C2 GOL E . -3.88 -3.28 -21.71
O2 GOL E . -3.70 -3.43 -20.26
C3 GOL E . -4.47 -1.90 -22.13
O3 GOL E . -5.58 -1.49 -21.27
C1 GOL F . 14.68 12.46 20.36
O1 GOL F . 15.04 11.05 20.52
C2 GOL F . 13.53 12.62 19.32
O2 GOL F . 12.60 11.46 19.29
C3 GOL F . 12.86 14.01 19.55
O3 GOL F . 11.60 14.20 18.82
C1 GOL G . 29.71 5.13 -1.87
O1 GOL G . 29.91 3.89 -2.59
C2 GOL G . 30.97 5.42 -1.04
O2 GOL G . 30.96 4.50 0.07
C3 GOL G . 31.08 6.91 -0.61
O3 GOL G . 32.35 7.28 0.03
PA FAD H . 26.92 7.32 9.46
O1A FAD H . 27.23 6.06 8.71
O2A FAD H . 26.69 8.65 8.82
O5B FAD H . 28.16 7.55 10.43
C5B FAD H . 28.89 6.48 11.02
C4B FAD H . 30.38 6.77 10.90
O4B FAD H . 31.07 5.63 11.42
C3B FAD H . 30.85 6.87 9.47
O3B FAD H . 31.63 8.00 9.28
C2B FAD H . 31.74 5.67 9.24
O2B FAD H . 32.79 5.93 8.29
C1B FAD H . 32.22 5.45 10.65
N9A FAD H . 32.77 4.13 10.93
C8A FAD H . 32.36 2.92 10.49
N7A FAD H . 33.15 1.93 10.98
C5A FAD H . 34.09 2.54 11.74
C6A FAD H . 35.23 2.10 12.56
N6A FAD H . 35.54 0.80 12.67
N1A FAD H . 35.93 3.05 13.20
C2A FAD H . 35.66 4.36 13.11
N3A FAD H . 34.64 4.83 12.37
C4A FAD H . 33.83 3.98 11.70
N1 FAD H . 18.44 10.53 4.83
C2 FAD H . 17.63 11.55 4.58
O2 FAD H . 17.17 12.16 5.55
N3 FAD H . 17.27 11.89 3.33
C4 FAD H . 17.72 11.25 2.25
O4 FAD H . 17.43 11.58 1.09
C4X FAD H . 18.60 10.11 2.44
N5 FAD H . 19.10 9.44 1.40
C5X FAD H . 19.93 8.43 1.57
C6 FAD H . 20.43 7.79 0.44
C7 FAD H . 21.32 6.75 0.58
C7M FAD H . 21.86 6.00 -0.59
C8 FAD H . 21.75 6.39 1.95
C8M FAD H . 22.72 5.29 2.22
C9 FAD H . 21.26 7.01 3.07
C9A FAD H . 20.35 8.04 2.94
N10 FAD H . 19.85 8.72 4.06
C10 FAD H . 18.96 9.78 3.83
C1' FAD H . 20.16 8.36 5.44
C2' FAD H . 21.32 9.04 6.06
O2' FAD H . 22.34 9.03 5.08
C3' FAD H . 21.69 8.27 7.31
O3' FAD H . 20.56 7.86 8.12
C4' FAD H . 22.60 9.12 8.19
O4' FAD H . 23.51 9.88 7.38
C5' FAD H . 23.33 8.18 9.13
O5' FAD H . 24.03 8.91 10.12
P FAD H . 24.84 8.09 11.24
O1P FAD H . 25.68 9.15 11.89
O2P FAD H . 23.79 7.36 12.07
O3P FAD H . 25.77 7.01 10.52
#